data_8B9L
#
_entry.id   8B9L
#
_cell.length_a   1.00
_cell.length_b   1.00
_cell.length_c   1.00
_cell.angle_alpha   90.00
_cell.angle_beta   90.00
_cell.angle_gamma   90.00
#
_symmetry.space_group_name_H-M   'P 1'
#
_entity_poly.entity_id   1
_entity_poly.type   'polypeptide(L)'
_entity_poly.pdbx_seq_one_letter_code
;MDIKSFLYQFCAKSQIEPKFDIRQTGPKNRQRFLCEVRVEPNTYIGVGNSTNKKDAEKNACRDFVNYLVRVGKLNTNDVP
ADAGASGGGPRTGLEGAGMAGGSGQQKRVFDGQSGPQDLGEAYRPLNHDGGDGGNRYSVIDRIQEQRDMNEAEAFDVNAA
IHGNWTIENAKERLNIYKQTNNIRDDYKYTPVGPEHARSFLAELSIYVPALNRTVTARESGSNKKSASKSCALSLVRQLF
HLNVIEPFSGTLKKKKDEQLKPYPVKLSPNLINKIDEVIKGLDLPVVNPRNIKIELDGPPIPLIVNLSRIDSSQQDGEKR
QESSVIPWAPPQANWNTWHACNIDEGELATTSIDDLSMDYERSLRDRRQNDNEYRQFLEFREKLPIAAMRSEILTAINDN
PVVIIRGNTGCGKTTQIAQYILDDYICSGQGGYANIYVTQPRRISAISVAERVARERCEQLGDTVGYSVRFESVFPRPYG
AILFCTVGVLLRKLEAGLRGVSHIIVDEIHERDVNSDFLLVILRDMVDTYPDLHVILMSATIDTTKFSKYFGICPVLEVP
GRAFPVQQFFLEDIIQMTDFVPSAESRRKRKEVEDEEQLLSEDKDEAEINYNKVCEDKYSQKTRNAMAMLSESDVSFELL
EALLMHIKSKNIPGAILVFLPGWNLIFALMKFLQNTNIFGDTSQYQILPCHSQIPRDEQRKVFEPVPEGVTKIILSTNIA
ETSITIDDIVFVIDICKARMKLFTSHNNLTSYATVWASKTNLEQRKGRAGRVRPGFCFTLCSRARFQALEDNLTPEMFRT
PLHEMALTIKLLRLGSIHHFLSKALEPPPVDAVIEAEVLLREMRCLDANDELTPLGRLLARLPIEPRLGKMMVLGAVFGC
ADLMAIMASYSSTFSEVFSLDIGQRRLANHQKALSGTKCSDHVAMIVASQMWRREKQRGEHMEARFCDWKGLQMSTMNVI
WDAKQQLLDLLQQAGFPEECMISHEVDERIDGDDPVLDVSLALLCLGLYPNICVHKEKRKVLTTESKAALLHKTSVNCSN
LAVTFPYPFFVFGEKIRTRAVSCKQLSMVSPLQVILFGSRKIDLAANNIVRVDNWLNFDIEPELAAKIGALKPALEDLIT
VACDNPSDILRLEEPYAQLVKVVKDLCVKSAGDFGLQRE
;
_entity_poly.pdbx_strand_id   A
#
# COMPACT_ATOMS: atom_id res chain seq x y z
N ASP A 257 -8.47 33.26 6.24
CA ASP A 257 -8.83 33.65 4.88
C ASP A 257 -10.14 32.99 4.45
N GLU A 258 -10.75 33.52 3.40
CA GLU A 258 -12.02 32.99 2.91
C GLU A 258 -12.17 33.31 1.43
N GLN A 259 -12.53 32.31 0.64
CA GLN A 259 -12.79 32.49 -0.78
C GLN A 259 -14.21 33.01 -0.97
N LEU A 260 -14.72 32.97 -2.20
CA LEU A 260 -16.05 33.51 -2.48
C LEU A 260 -17.17 32.53 -2.15
N LYS A 261 -17.15 31.34 -2.78
CA LYS A 261 -18.09 30.23 -2.79
C LYS A 261 -18.99 30.25 -4.03
N PRO A 262 -20.04 31.08 -4.11
CA PRO A 262 -21.06 30.85 -5.13
C PRO A 262 -20.68 31.45 -6.46
N TYR A 263 -20.74 30.64 -7.52
CA TYR A 263 -20.57 31.20 -8.85
C TYR A 263 -21.88 31.87 -9.28
N PRO A 264 -23.04 31.17 -9.29
CA PRO A 264 -24.30 31.88 -9.50
C PRO A 264 -24.94 32.29 -8.19
N VAL A 265 -26.11 32.91 -8.25
CA VAL A 265 -26.93 33.20 -7.08
C VAL A 265 -28.37 32.85 -7.46
N LYS A 266 -28.80 31.65 -7.07
CA LYS A 266 -30.15 31.17 -7.39
C LYS A 266 -30.40 29.86 -6.65
N LEU A 267 -31.63 29.69 -6.16
CA LEU A 267 -32.08 28.43 -5.59
C LEU A 267 -33.41 28.07 -6.24
N SER A 268 -33.50 26.84 -6.74
CA SER A 268 -34.71 26.40 -7.44
C SER A 268 -35.77 25.99 -6.43
N PRO A 269 -36.96 26.59 -6.45
CA PRO A 269 -37.98 26.22 -5.46
C PRO A 269 -38.42 24.77 -5.55
N ASN A 270 -38.44 24.17 -6.74
CA ASN A 270 -38.88 22.79 -6.87
C ASN A 270 -37.93 21.85 -6.13
N LEU A 271 -36.63 22.11 -6.19
CA LEU A 271 -35.67 21.31 -5.44
C LEU A 271 -35.92 21.42 -3.95
N ILE A 272 -36.24 22.63 -3.46
CA ILE A 272 -36.55 22.81 -2.05
C ILE A 272 -37.80 22.02 -1.68
N ASN A 273 -38.81 22.02 -2.55
CA ASN A 273 -40.03 21.26 -2.28
C ASN A 273 -39.74 19.76 -2.23
N LYS A 274 -38.88 19.27 -3.13
CA LYS A 274 -38.50 17.87 -3.10
C LYS A 274 -37.76 17.52 -1.81
N ILE A 275 -36.86 18.40 -1.37
CA ILE A 275 -36.18 18.17 -0.11
C ILE A 275 -37.16 18.15 1.04
N ASP A 276 -38.18 19.03 0.98
CA ASP A 276 -39.20 19.06 2.03
C ASP A 276 -39.98 17.75 2.07
N GLU A 277 -40.40 17.25 0.92
CA GLU A 277 -41.19 16.01 0.91
C GLU A 277 -40.34 14.82 1.33
N VAL A 278 -39.07 14.80 0.96
CA VAL A 278 -38.17 13.75 1.44
C VAL A 278 -37.95 13.83 2.95
N ILE A 279 -37.76 15.03 3.49
CA ILE A 279 -37.52 15.17 4.92
C ILE A 279 -38.78 14.86 5.72
N LYS A 280 -39.97 15.05 5.13
CA LYS A 280 -41.20 14.72 5.81
C LYS A 280 -41.66 13.29 5.58
N GLY A 281 -41.06 12.58 4.62
CA GLY A 281 -41.43 11.20 4.39
C GLY A 281 -41.07 10.29 5.55
N LEU A 282 -39.85 10.44 6.09
CA LEU A 282 -39.36 9.59 7.16
C LEU A 282 -39.52 10.20 8.55
N ASP A 283 -40.13 11.38 8.65
CA ASP A 283 -40.26 12.10 9.92
C ASP A 283 -38.89 12.24 10.58
N LEU A 284 -37.94 12.73 9.77
CA LEU A 284 -36.59 12.94 10.25
C LEU A 284 -36.60 14.07 11.29
N PRO A 285 -35.64 14.05 12.25
CA PRO A 285 -35.68 15.05 13.33
C PRO A 285 -35.89 16.49 12.85
N VAL A 286 -37.03 17.06 13.24
CA VAL A 286 -37.38 18.43 12.85
C VAL A 286 -36.83 19.36 13.92
N VAL A 287 -35.53 19.66 13.81
CA VAL A 287 -34.83 20.48 14.78
C VAL A 287 -33.55 20.95 14.11
N ASN A 288 -32.97 22.04 14.62
CA ASN A 288 -31.66 22.45 14.16
C ASN A 288 -30.70 21.29 14.39
N PRO A 289 -30.04 20.79 13.34
CA PRO A 289 -29.37 19.48 13.45
C PRO A 289 -28.10 19.50 14.30
N ARG A 290 -28.19 20.06 15.50
CA ARG A 290 -27.12 19.97 16.49
C ARG A 290 -27.42 18.91 17.55
N ASN A 291 -28.40 18.06 17.29
CA ASN A 291 -28.80 17.01 18.21
C ASN A 291 -27.86 15.82 18.10
N ILE A 292 -27.72 15.09 19.21
CA ILE A 292 -26.87 13.90 19.28
C ILE A 292 -25.45 14.21 18.84
N GLU A 322 -14.00 -13.36 27.08
CA GLU A 322 -14.40 -12.48 25.99
C GLU A 322 -13.43 -12.62 24.81
N SER A 323 -12.14 -12.77 25.12
CA SER A 323 -11.11 -12.92 24.11
C SER A 323 -11.00 -14.39 23.72
N SER A 324 -11.52 -14.73 22.54
CA SER A 324 -11.52 -16.11 22.08
C SER A 324 -10.15 -16.49 21.53
N VAL A 325 -9.99 -17.79 21.27
CA VAL A 325 -8.76 -18.35 20.73
C VAL A 325 -9.11 -19.17 19.51
N ILE A 326 -8.28 -19.09 18.48
CA ILE A 326 -8.54 -19.82 17.23
C ILE A 326 -8.57 -21.31 17.51
N PRO A 327 -9.62 -22.04 17.11
CA PRO A 327 -9.65 -23.49 17.34
C PRO A 327 -8.52 -24.20 16.60
N TRP A 328 -7.99 -25.24 17.23
CA TRP A 328 -6.93 -26.05 16.66
C TRP A 328 -7.20 -27.52 16.94
N ALA A 329 -6.76 -28.37 16.00
CA ALA A 329 -6.94 -29.81 16.14
C ALA A 329 -5.92 -30.50 15.24
N PRO A 330 -5.34 -31.62 15.67
CA PRO A 330 -4.40 -32.35 14.82
C PRO A 330 -5.05 -32.74 13.50
N PRO A 331 -4.26 -32.90 12.44
CA PRO A 331 -4.83 -33.29 11.15
C PRO A 331 -5.57 -34.61 11.24
N GLN A 332 -6.70 -34.70 10.55
CA GLN A 332 -7.53 -35.89 10.57
C GLN A 332 -8.38 -35.92 9.30
N ALA A 333 -8.85 -37.11 8.96
CA ALA A 333 -9.47 -37.35 7.67
C ALA A 333 -10.81 -36.64 7.57
N ASN A 334 -11.33 -36.57 6.35
CA ASN A 334 -12.62 -35.94 6.04
C ASN A 334 -12.64 -34.47 6.49
N TRP A 335 -11.54 -33.76 6.26
CA TRP A 335 -11.47 -32.35 6.58
C TRP A 335 -10.33 -31.73 5.78
N ASN A 336 -10.58 -30.54 5.24
CA ASN A 336 -9.58 -29.79 4.48
C ASN A 336 -8.98 -28.71 5.36
N THR A 337 -7.66 -28.64 5.39
CA THR A 337 -6.98 -27.71 6.28
C THR A 337 -7.12 -26.27 5.81
N TRP A 338 -6.90 -26.02 4.52
CA TRP A 338 -6.87 -24.65 4.02
C TRP A 338 -8.26 -24.02 4.01
N HIS A 339 -9.25 -24.74 3.50
CA HIS A 339 -10.58 -24.17 3.30
C HIS A 339 -11.52 -24.39 4.48
N ALA A 340 -11.08 -25.12 5.51
CA ALA A 340 -11.90 -25.41 6.68
C ALA A 340 -13.22 -26.07 6.28
N CYS A 341 -13.14 -27.01 5.34
CA CYS A 341 -14.30 -27.76 4.88
C CYS A 341 -14.00 -29.25 4.98
N ASN A 342 -15.06 -30.05 5.05
CA ASN A 342 -14.91 -31.50 5.22
C ASN A 342 -14.75 -32.22 3.89
N ILE A 343 -13.83 -31.72 3.06
CA ILE A 343 -13.51 -32.28 1.75
C ILE A 343 -14.77 -32.65 0.98
N ASP A 344 -15.27 -33.86 1.23
CA ASP A 344 -16.48 -34.42 0.60
C ASP A 344 -16.24 -34.73 -0.87
N GLU A 345 -16.58 -35.95 -1.28
CA GLU A 345 -16.48 -36.43 -2.66
C GLU A 345 -15.03 -36.63 -3.07
N GLY A 346 -14.76 -37.67 -3.84
CA GLY A 346 -13.42 -37.98 -4.29
C GLY A 346 -12.85 -39.20 -3.58
N GLU A 347 -11.66 -39.59 -4.01
CA GLU A 347 -10.96 -40.73 -3.42
C GLU A 347 -10.47 -40.46 -2.01
N LEU A 348 -10.48 -39.20 -1.56
CA LEU A 348 -10.07 -38.85 -0.22
C LEU A 348 -11.21 -38.87 0.79
N ALA A 349 -12.43 -39.22 0.35
CA ALA A 349 -13.57 -39.29 1.25
C ALA A 349 -13.51 -40.47 2.20
N THR A 350 -12.66 -41.46 1.93
CA THR A 350 -12.52 -42.62 2.80
C THR A 350 -11.08 -42.96 3.14
N THR A 351 -10.09 -42.44 2.42
CA THR A 351 -8.70 -42.75 2.70
C THR A 351 -8.25 -42.03 3.96
N SER A 352 -7.74 -42.80 4.93
CA SER A 352 -7.26 -42.23 6.18
C SER A 352 -5.89 -41.58 5.98
N ILE A 353 -5.52 -40.73 6.93
CA ILE A 353 -4.22 -40.05 6.88
C ILE A 353 -3.08 -41.05 6.97
N ASP A 354 -3.30 -42.17 7.68
CA ASP A 354 -2.26 -43.18 7.80
C ASP A 354 -1.88 -43.77 6.46
N ASP A 355 -2.87 -44.03 5.59
CA ASP A 355 -2.57 -44.50 4.24
C ASP A 355 -1.85 -43.43 3.43
N LEU A 356 -2.27 -42.16 3.57
CA LEU A 356 -1.60 -41.08 2.87
C LEU A 356 -0.15 -40.94 3.30
N SER A 357 0.17 -41.31 4.55
CA SER A 357 1.55 -41.25 5.01
C SER A 357 2.43 -42.18 4.18
N MET A 358 2.04 -43.45 4.07
CA MET A 358 2.83 -44.39 3.28
C MET A 358 2.79 -44.04 1.79
N ASP A 359 1.67 -43.46 1.33
CA ASP A 359 1.63 -42.98 -0.05
C ASP A 359 2.69 -41.91 -0.28
N TYR A 360 2.86 -40.98 0.67
CA TYR A 360 3.87 -39.95 0.54
C TYR A 360 5.28 -40.52 0.67
N GLU A 361 5.45 -41.54 1.51
CA GLU A 361 6.77 -42.21 1.56
C GLU A 361 7.12 -42.81 0.21
N ARG A 362 6.17 -43.52 -0.41
CA ARG A 362 6.42 -44.11 -1.72
C ARG A 362 6.68 -43.02 -2.77
N SER A 363 5.92 -41.93 -2.72
CA SER A 363 6.11 -40.85 -3.69
C SER A 363 7.48 -40.22 -3.53
N LEU A 364 7.92 -39.99 -2.29
CA LEU A 364 9.24 -39.39 -2.08
C LEU A 364 10.35 -40.35 -2.47
N ARG A 365 10.17 -41.65 -2.22
CA ARG A 365 11.17 -42.62 -2.66
C ARG A 365 11.27 -42.64 -4.19
N ASP A 366 10.13 -42.57 -4.87
CA ASP A 366 10.14 -42.49 -6.33
C ASP A 366 10.83 -41.22 -6.80
N ARG A 367 10.58 -40.10 -6.12
CA ARG A 367 11.23 -38.84 -6.46
C ARG A 367 12.74 -38.95 -6.32
N ARG A 368 13.21 -39.55 -5.23
CA ARG A 368 14.65 -39.68 -5.01
C ARG A 368 15.27 -40.65 -6.00
N GLN A 369 14.54 -41.70 -6.40
CA GLN A 369 15.11 -42.72 -7.27
C GLN A 369 14.93 -42.44 -8.76
N ASN A 370 14.15 -41.44 -9.13
CA ASN A 370 13.92 -41.20 -10.55
C ASN A 370 14.18 -39.76 -10.98
N ASP A 371 13.96 -38.79 -10.07
CA ASP A 371 14.12 -37.38 -10.40
C ASP A 371 15.58 -37.00 -10.18
N ASN A 372 16.36 -36.99 -11.27
CA ASN A 372 17.75 -36.58 -11.18
C ASN A 372 17.87 -35.10 -10.83
N GLU A 373 16.98 -34.27 -11.37
CA GLU A 373 17.01 -32.84 -11.06
C GLU A 373 16.75 -32.60 -9.58
N TYR A 374 15.83 -33.36 -8.98
CA TYR A 374 15.59 -33.22 -7.55
C TYR A 374 16.83 -33.58 -6.74
N ARG A 375 17.54 -34.65 -7.14
CA ARG A 375 18.77 -35.01 -6.46
C ARG A 375 19.83 -33.92 -6.59
N GLN A 376 19.93 -33.32 -7.78
CA GLN A 376 20.86 -32.20 -7.97
C GLN A 376 20.48 -31.03 -7.07
N PHE A 377 19.18 -30.78 -6.90
CA PHE A 377 18.75 -29.70 -6.02
C PHE A 377 19.06 -30.01 -4.56
N LEU A 378 18.92 -31.28 -4.14
CA LEU A 378 19.35 -31.64 -2.79
C LEU A 378 20.84 -31.44 -2.61
N GLU A 379 21.64 -31.80 -3.63
CA GLU A 379 23.07 -31.55 -3.55
C GLU A 379 23.37 -30.06 -3.45
N PHE A 380 22.63 -29.24 -4.19
CA PHE A 380 22.78 -27.80 -4.10
C PHE A 380 22.46 -27.29 -2.70
N ARG A 381 21.36 -27.79 -2.11
CA ARG A 381 20.98 -27.39 -0.77
C ARG A 381 21.95 -27.92 0.28
N GLU A 382 22.71 -28.97 -0.04
CA GLU A 382 23.59 -29.59 0.95
C GLU A 382 24.72 -28.66 1.39
N LYS A 383 25.28 -27.89 0.47
CA LYS A 383 26.42 -27.03 0.80
C LYS A 383 26.01 -25.65 1.31
N LEU A 384 24.72 -25.39 1.49
CA LEU A 384 24.30 -24.17 2.16
C LEU A 384 24.73 -24.20 3.61
N PRO A 385 25.05 -23.05 4.20
CA PRO A 385 25.43 -23.02 5.62
C PRO A 385 24.33 -23.53 6.54
N ILE A 386 23.07 -23.40 6.13
CA ILE A 386 21.96 -23.88 6.95
C ILE A 386 21.97 -25.39 7.05
N ALA A 387 22.48 -26.09 6.02
CA ALA A 387 22.39 -27.54 6.01
C ALA A 387 23.29 -28.17 7.07
N ALA A 388 24.41 -27.53 7.40
CA ALA A 388 25.29 -28.05 8.43
C ALA A 388 24.58 -28.10 9.79
N MET A 389 23.81 -27.06 10.10
CA MET A 389 23.08 -26.99 11.36
C MET A 389 21.65 -27.52 11.26
N ARG A 390 21.25 -28.03 10.09
CA ARG A 390 19.90 -28.56 9.91
C ARG A 390 19.49 -29.54 10.99
N SER A 391 20.41 -30.43 11.40
CA SER A 391 20.07 -31.42 12.42
C SER A 391 19.73 -30.75 13.75
N GLU A 392 20.53 -29.77 14.15
CA GLU A 392 20.25 -29.04 15.38
C GLU A 392 18.95 -28.25 15.27
N ILE A 393 18.70 -27.66 14.11
CA ILE A 393 17.45 -26.94 13.89
C ILE A 393 16.26 -27.86 14.06
N LEU A 394 16.33 -29.05 13.45
CA LEU A 394 15.23 -30.00 13.55
C LEU A 394 15.03 -30.47 14.98
N THR A 395 16.13 -30.72 15.70
CA THR A 395 16.01 -31.13 17.10
C THR A 395 15.37 -30.03 17.94
N ALA A 396 15.77 -28.77 17.72
CA ALA A 396 15.21 -27.67 18.48
C ALA A 396 13.72 -27.50 18.18
N ILE A 397 13.33 -27.62 16.91
CA ILE A 397 11.92 -27.49 16.55
C ILE A 397 11.11 -28.62 17.16
N ASN A 398 11.64 -29.85 17.14
CA ASN A 398 10.93 -30.98 17.71
C ASN A 398 10.77 -30.84 19.22
N ASP A 399 11.81 -30.37 19.91
CA ASP A 399 11.80 -30.34 21.36
C ASP A 399 11.20 -29.07 21.96
N ASN A 400 10.93 -28.05 21.15
CA ASN A 400 10.39 -26.80 21.66
C ASN A 400 9.26 -26.32 20.76
N PRO A 401 8.24 -25.67 21.34
CA PRO A 401 7.11 -25.21 20.52
C PRO A 401 7.41 -23.95 19.73
N VAL A 402 8.16 -23.01 20.31
CA VAL A 402 8.50 -21.75 19.67
C VAL A 402 10.02 -21.61 19.65
N VAL A 403 10.57 -21.31 18.48
CA VAL A 403 12.00 -21.13 18.30
C VAL A 403 12.24 -19.94 17.40
N ILE A 404 13.15 -19.05 17.80
CA ILE A 404 13.56 -17.90 17.01
C ILE A 404 14.84 -18.28 16.26
N ILE A 405 14.83 -18.12 14.95
CA ILE A 405 15.98 -18.42 14.11
C ILE A 405 16.56 -17.11 13.60
N ARG A 406 17.86 -16.90 13.81
CA ARG A 406 18.53 -15.67 13.44
C ARG A 406 19.61 -15.97 12.40
N GLY A 407 19.83 -15.00 11.51
CA GLY A 407 20.80 -15.15 10.45
C GLY A 407 20.62 -14.09 9.37
N ASN A 408 21.65 -13.86 8.57
CA ASN A 408 21.58 -12.83 7.54
C ASN A 408 20.44 -13.13 6.57
N THR A 409 19.71 -12.07 6.21
CA THR A 409 18.59 -12.23 5.29
C THR A 409 19.08 -12.75 3.94
N GLY A 410 18.44 -13.80 3.45
CA GLY A 410 18.83 -14.44 2.21
C GLY A 410 19.90 -15.49 2.34
N CYS A 411 20.41 -15.74 3.55
CA CYS A 411 21.43 -16.77 3.74
C CYS A 411 20.90 -18.18 3.57
N GLY A 412 19.58 -18.35 3.49
CA GLY A 412 19.01 -19.68 3.33
C GLY A 412 18.09 -20.09 4.46
N LYS A 413 17.44 -19.11 5.09
CA LYS A 413 16.49 -19.43 6.15
C LYS A 413 15.14 -19.84 5.57
N THR A 414 14.54 -18.96 4.76
CA THR A 414 13.17 -19.18 4.29
C THR A 414 13.10 -20.38 3.35
N THR A 415 14.01 -20.46 2.38
CA THR A 415 13.96 -21.50 1.37
C THR A 415 14.36 -22.87 1.92
N GLN A 416 14.74 -22.97 3.19
CA GLN A 416 15.27 -24.21 3.73
C GLN A 416 14.57 -24.70 4.98
N ILE A 417 14.12 -23.81 5.86
CA ILE A 417 13.54 -24.25 7.13
C ILE A 417 12.26 -25.03 6.91
N ALA A 418 11.36 -24.51 6.05
CA ALA A 418 10.11 -25.20 5.77
C ALA A 418 10.35 -26.55 5.12
N GLN A 419 11.30 -26.61 4.18
CA GLN A 419 11.61 -27.89 3.55
C GLN A 419 12.17 -28.89 4.56
N TYR A 420 13.03 -28.43 5.47
CA TYR A 420 13.55 -29.32 6.50
C TYR A 420 12.43 -29.86 7.38
N ILE A 421 11.53 -28.97 7.82
CA ILE A 421 10.42 -29.42 8.67
C ILE A 421 9.56 -30.44 7.93
N LEU A 422 9.20 -30.15 6.68
CA LEU A 422 8.33 -31.05 5.94
C LEU A 422 9.00 -32.38 5.66
N ASP A 423 10.29 -32.36 5.30
CA ASP A 423 10.99 -33.61 5.04
C ASP A 423 11.16 -34.43 6.32
N ASP A 424 11.40 -33.76 7.45
CA ASP A 424 11.47 -34.48 8.72
C ASP A 424 10.15 -35.15 9.06
N TYR A 425 9.03 -34.44 8.85
CA TYR A 425 7.74 -35.04 9.13
C TYR A 425 7.40 -36.15 8.15
N ILE A 426 7.82 -36.02 6.89
CA ILE A 426 7.59 -37.09 5.92
C ILE A 426 8.37 -38.34 6.31
N CYS A 427 9.67 -38.18 6.57
CA CYS A 427 10.52 -39.34 6.85
C CYS A 427 10.28 -39.95 8.22
N SER A 428 9.50 -39.31 9.08
CA SER A 428 9.20 -39.82 10.40
C SER A 428 7.93 -40.67 10.44
N GLY A 429 7.34 -40.95 9.28
CA GLY A 429 6.10 -41.70 9.24
C GLY A 429 4.86 -40.89 9.49
N GLN A 430 4.98 -39.57 9.63
CA GLN A 430 3.85 -38.70 9.90
C GLN A 430 3.70 -37.67 8.78
N GLY A 431 3.77 -38.14 7.53
CA GLY A 431 3.78 -37.22 6.40
C GLY A 431 2.50 -36.41 6.28
N GLY A 432 1.36 -37.03 6.56
CA GLY A 432 0.09 -36.35 6.42
C GLY A 432 -0.24 -35.36 7.52
N TYR A 433 0.55 -35.33 8.60
CA TYR A 433 0.30 -34.47 9.73
C TYR A 433 1.04 -33.13 9.64
N ALA A 434 1.72 -32.86 8.53
CA ALA A 434 2.51 -31.65 8.38
C ALA A 434 1.75 -30.65 7.51
N ASN A 435 1.55 -29.43 8.04
CA ASN A 435 0.90 -28.36 7.29
C ASN A 435 1.57 -27.06 7.71
N ILE A 436 2.47 -26.55 6.87
CA ILE A 436 3.37 -25.47 7.23
C ILE A 436 2.94 -24.19 6.52
N TYR A 437 2.82 -23.11 7.30
CA TYR A 437 2.53 -21.79 6.77
C TYR A 437 3.77 -20.91 6.90
N VAL A 438 4.13 -20.21 5.83
CA VAL A 438 5.25 -19.29 5.82
C VAL A 438 4.73 -17.92 5.41
N THR A 439 5.11 -16.89 6.17
CA THR A 439 4.53 -15.56 6.04
C THR A 439 5.60 -14.55 5.61
N GLN A 440 5.76 -14.40 4.29
CA GLN A 440 6.65 -13.37 3.78
C GLN A 440 6.01 -12.00 3.95
N PRO A 441 6.82 -10.94 4.09
CA PRO A 441 6.25 -9.63 4.39
C PRO A 441 5.46 -8.99 3.27
N ARG A 442 5.79 -9.28 2.00
CA ARG A 442 5.17 -8.61 0.87
C ARG A 442 4.63 -9.64 -0.12
N ARG A 443 3.71 -9.18 -0.97
CA ARG A 443 3.15 -10.05 -2.00
C ARG A 443 4.23 -10.60 -2.92
N ILE A 444 5.13 -9.73 -3.38
CA ILE A 444 6.19 -10.17 -4.29
C ILE A 444 7.09 -11.18 -3.61
N SER A 445 7.42 -10.94 -2.33
CA SER A 445 8.24 -11.89 -1.60
C SER A 445 7.58 -13.26 -1.53
N ALA A 446 6.29 -13.29 -1.17
CA ALA A 446 5.59 -14.56 -1.06
C ALA A 446 5.55 -15.29 -2.39
N ILE A 447 5.16 -14.59 -3.46
CA ILE A 447 5.04 -15.24 -4.77
C ILE A 447 6.38 -15.76 -5.25
N SER A 448 7.42 -14.91 -5.16
CA SER A 448 8.74 -15.29 -5.64
C SER A 448 9.31 -16.45 -4.83
N VAL A 449 9.16 -16.42 -3.51
CA VAL A 449 9.67 -17.50 -2.68
C VAL A 449 8.93 -18.80 -2.97
N ALA A 450 7.61 -18.74 -3.12
CA ALA A 450 6.85 -19.95 -3.43
C ALA A 450 7.28 -20.54 -4.78
N GLU A 451 7.45 -19.69 -5.79
CA GLU A 451 7.86 -20.18 -7.10
C GLU A 451 9.29 -20.72 -7.07
N ARG A 452 10.17 -20.09 -6.29
CA ARG A 452 11.53 -20.59 -6.15
C ARG A 452 11.56 -21.95 -5.46
N VAL A 453 10.74 -22.12 -4.41
CA VAL A 453 10.66 -23.41 -3.74
C VAL A 453 10.12 -24.47 -4.68
N ALA A 454 9.11 -24.11 -5.49
CA ALA A 454 8.60 -25.04 -6.49
C ALA A 454 9.69 -25.42 -7.50
N ARG A 455 10.50 -24.45 -7.91
CA ARG A 455 11.60 -24.73 -8.83
C ARG A 455 12.63 -25.65 -8.19
N GLU A 456 12.89 -25.48 -6.90
CA GLU A 456 13.82 -26.36 -6.20
C GLU A 456 13.33 -27.80 -6.19
N ARG A 457 12.04 -28.01 -5.97
CA ARG A 457 11.47 -29.34 -5.89
C ARG A 457 11.04 -29.88 -7.25
N CYS A 458 11.25 -29.12 -8.32
CA CYS A 458 10.93 -29.55 -9.68
C CYS A 458 9.47 -29.96 -9.81
N GLU A 459 8.59 -29.16 -9.20
CA GLU A 459 7.17 -29.43 -9.21
C GLU A 459 6.42 -28.13 -9.52
N GLN A 460 5.22 -28.30 -10.05
CA GLN A 460 4.36 -27.16 -10.33
C GLN A 460 3.73 -26.65 -9.03
N LEU A 461 3.23 -25.42 -9.08
CA LEU A 461 2.54 -24.84 -7.93
C LEU A 461 1.28 -25.62 -7.61
N GLY A 462 0.99 -25.76 -6.31
CA GLY A 462 -0.21 -26.41 -5.86
C GLY A 462 -0.09 -27.89 -5.54
N ASP A 463 1.04 -28.52 -5.86
CA ASP A 463 1.22 -29.92 -5.50
C ASP A 463 1.54 -30.04 -4.01
N THR A 464 2.66 -29.45 -3.59
CA THR A 464 2.98 -29.32 -2.17
C THR A 464 3.42 -27.91 -1.79
N VAL A 465 3.65 -27.03 -2.76
CA VAL A 465 4.03 -25.64 -2.52
C VAL A 465 3.15 -24.74 -3.36
N GLY A 466 2.62 -23.68 -2.75
CA GLY A 466 1.80 -22.72 -3.45
C GLY A 466 1.78 -21.42 -2.69
N TYR A 467 1.30 -20.37 -3.37
CA TYR A 467 1.24 -19.05 -2.79
C TYR A 467 -0.21 -18.62 -2.58
N SER A 468 -0.43 -17.78 -1.58
CA SER A 468 -1.75 -17.23 -1.29
C SER A 468 -1.56 -15.74 -1.00
N VAL A 469 -1.86 -14.90 -1.99
CA VAL A 469 -1.63 -13.47 -1.91
C VAL A 469 -2.88 -12.74 -2.37
N ARG A 470 -2.80 -11.41 -2.47
CA ARG A 470 -3.90 -10.65 -3.03
C ARG A 470 -4.04 -10.94 -4.52
N PHE A 471 -5.28 -10.83 -5.01
CA PHE A 471 -5.66 -10.93 -6.42
C PHE A 471 -5.60 -12.36 -6.96
N GLU A 472 -5.08 -13.31 -6.18
CA GLU A 472 -4.90 -14.67 -6.70
C GLU A 472 -4.49 -15.59 -5.56
N SER A 473 -4.74 -16.88 -5.76
CA SER A 473 -4.31 -17.91 -4.83
C SER A 473 -4.18 -19.24 -5.57
N VAL A 474 -3.11 -19.96 -5.26
CA VAL A 474 -2.86 -21.29 -5.83
C VAL A 474 -2.71 -22.24 -4.66
N PHE A 475 -3.80 -22.90 -4.29
CA PHE A 475 -3.84 -23.70 -3.07
C PHE A 475 -3.15 -25.04 -3.26
N PRO A 476 -2.49 -25.54 -2.22
CA PRO A 476 -1.83 -26.85 -2.30
C PRO A 476 -2.74 -27.99 -1.88
N ARG A 477 -2.19 -29.21 -1.84
CA ARG A 477 -2.97 -30.37 -1.43
C ARG A 477 -3.34 -30.26 0.06
N PRO A 478 -4.43 -30.93 0.47
CA PRO A 478 -4.89 -30.79 1.87
C PRO A 478 -3.86 -31.19 2.91
N TYR A 479 -3.07 -32.24 2.67
CA TYR A 479 -2.17 -32.78 3.66
C TYR A 479 -0.74 -32.79 3.14
N GLY A 480 0.20 -32.37 3.98
CA GLY A 480 1.60 -32.38 3.62
C GLY A 480 1.97 -31.36 2.57
N ALA A 481 1.84 -30.07 2.90
CA ALA A 481 2.13 -29.02 1.95
C ALA A 481 2.49 -27.74 2.68
N ILE A 482 3.18 -26.85 1.97
CA ILE A 482 3.60 -25.55 2.49
C ILE A 482 2.93 -24.47 1.63
N LEU A 483 2.28 -23.51 2.28
CA LEU A 483 1.55 -22.45 1.61
C LEU A 483 2.21 -21.12 1.97
N PHE A 484 3.01 -20.58 1.06
CA PHE A 484 3.68 -19.29 1.27
C PHE A 484 2.66 -18.19 1.07
N CYS A 485 2.13 -17.64 2.16
CA CYS A 485 1.12 -16.61 2.12
C CYS A 485 1.58 -15.41 2.94
N THR A 486 1.25 -14.21 2.47
CA THR A 486 1.59 -13.01 3.20
C THR A 486 0.88 -12.98 4.55
N VAL A 487 1.32 -12.05 5.41
CA VAL A 487 0.76 -11.98 6.76
C VAL A 487 -0.72 -11.62 6.72
N GLY A 488 -1.09 -10.65 5.87
CA GLY A 488 -2.49 -10.28 5.75
C GLY A 488 -3.36 -11.43 5.27
N VAL A 489 -2.85 -12.22 4.32
CA VAL A 489 -3.60 -13.37 3.82
C VAL A 489 -3.82 -14.39 4.93
N LEU A 490 -2.78 -14.66 5.72
CA LEU A 490 -2.93 -15.60 6.84
C LEU A 490 -3.92 -15.06 7.86
N LEU A 491 -3.89 -13.75 8.12
CA LEU A 491 -4.86 -13.17 9.04
C LEU A 491 -6.28 -13.33 8.52
N ARG A 492 -6.47 -13.16 7.21
CA ARG A 492 -7.77 -13.42 6.61
C ARG A 492 -8.18 -14.88 6.78
N LYS A 493 -7.23 -15.80 6.56
CA LYS A 493 -7.52 -17.23 6.69
C LYS A 493 -7.86 -17.61 8.12
N LEU A 494 -7.35 -16.85 9.10
CA LEU A 494 -7.61 -17.18 10.50
C LEU A 494 -9.09 -17.20 10.85
N GLU A 495 -9.93 -16.50 10.09
CA GLU A 495 -11.37 -16.51 10.37
C GLU A 495 -11.97 -17.89 10.18
N ALA A 496 -11.35 -18.76 9.38
CA ALA A 496 -11.83 -20.12 9.18
C ALA A 496 -11.24 -21.11 10.17
N GLY A 497 -10.31 -20.68 11.01
CA GLY A 497 -9.66 -21.59 11.95
C GLY A 497 -8.41 -22.21 11.38
N LEU A 498 -7.50 -22.57 12.28
CA LEU A 498 -6.22 -23.18 11.92
C LEU A 498 -6.20 -24.67 12.20
N ARG A 499 -7.35 -25.32 12.06
CA ARG A 499 -7.43 -26.77 12.26
C ARG A 499 -6.59 -27.47 11.20
N GLY A 500 -5.77 -28.43 11.63
CA GLY A 500 -4.96 -29.21 10.72
C GLY A 500 -3.63 -28.58 10.35
N VAL A 501 -3.26 -27.46 10.96
CA VAL A 501 -1.97 -26.80 10.70
C VAL A 501 -1.01 -27.17 11.83
N SER A 502 0.18 -27.65 11.46
CA SER A 502 1.16 -28.10 12.43
C SER A 502 2.31 -27.12 12.63
N HIS A 503 2.69 -26.36 11.60
CA HIS A 503 3.80 -25.42 11.70
C HIS A 503 3.40 -24.12 11.04
N ILE A 504 3.75 -23.00 11.69
CA ILE A 504 3.60 -21.66 11.13
C ILE A 504 4.93 -20.95 11.26
N ILE A 505 5.47 -20.49 10.13
CA ILE A 505 6.81 -19.90 10.07
C ILE A 505 6.65 -18.43 9.70
N VAL A 506 6.69 -17.56 10.70
CA VAL A 506 6.68 -16.12 10.45
C VAL A 506 8.07 -15.69 10.00
N ASP A 507 8.14 -14.96 8.89
CA ASP A 507 9.41 -14.61 8.26
C ASP A 507 9.71 -13.13 8.44
N GLU A 508 10.99 -12.82 8.62
CA GLU A 508 11.50 -11.46 8.66
C GLU A 508 10.78 -10.63 9.73
N ILE A 509 10.94 -11.07 10.98
CA ILE A 509 10.38 -10.32 12.10
C ILE A 509 11.20 -9.06 12.38
N HIS A 510 12.42 -8.98 11.84
CA HIS A 510 13.24 -7.78 12.02
C HIS A 510 12.66 -6.56 11.32
N GLU A 511 11.83 -6.77 10.28
CA GLU A 511 11.14 -5.65 9.66
C GLU A 511 10.21 -4.96 10.65
N ARG A 512 9.59 -5.72 11.55
CA ARG A 512 8.82 -5.19 12.67
C ARG A 512 7.62 -4.38 12.21
N ASP A 513 7.04 -4.71 11.07
CA ASP A 513 5.82 -4.06 10.63
C ASP A 513 4.64 -4.55 11.46
N VAL A 514 3.52 -3.82 11.36
CA VAL A 514 2.38 -4.06 12.23
C VAL A 514 1.78 -5.45 11.99
N ASN A 515 1.74 -5.91 10.73
CA ASN A 515 1.18 -7.23 10.43
C ASN A 515 1.96 -8.33 11.13
N SER A 516 3.29 -8.24 11.11
CA SER A 516 4.12 -9.25 11.75
C SER A 516 3.92 -9.25 13.26
N ASP A 517 3.78 -8.08 13.87
CA ASP A 517 3.50 -8.03 15.30
C ASP A 517 2.16 -8.66 15.63
N PHE A 518 1.14 -8.36 14.82
CA PHE A 518 -0.17 -8.99 15.00
C PHE A 518 -0.06 -10.51 14.94
N LEU A 519 0.64 -11.01 13.92
CA LEU A 519 0.76 -12.45 13.75
C LEU A 519 1.55 -13.08 14.89
N LEU A 520 2.57 -12.39 15.38
CA LEU A 520 3.33 -12.88 16.53
C LEU A 520 2.45 -13.00 17.76
N VAL A 521 1.62 -11.99 18.01
CA VAL A 521 0.72 -12.07 19.17
C VAL A 521 -0.23 -13.24 19.02
N ILE A 522 -0.81 -13.41 17.82
CA ILE A 522 -1.74 -14.51 17.58
C ILE A 522 -1.06 -15.85 17.82
N LEU A 523 0.15 -16.02 17.26
CA LEU A 523 0.84 -17.29 17.37
C LEU A 523 1.28 -17.57 18.80
N ARG A 524 1.74 -16.55 19.52
CA ARG A 524 2.13 -16.75 20.91
C ARG A 524 0.94 -17.20 21.75
N ASP A 525 -0.21 -16.53 21.59
CA ASP A 525 -1.39 -16.94 22.34
C ASP A 525 -1.84 -18.35 21.96
N MET A 526 -1.80 -18.67 20.66
CA MET A 526 -2.25 -19.98 20.21
C MET A 526 -1.34 -21.09 20.72
N VAL A 527 -0.02 -20.87 20.71
CA VAL A 527 0.90 -21.87 21.25
C VAL A 527 0.74 -21.99 22.75
N ASP A 528 0.47 -20.87 23.44
CA ASP A 528 0.18 -20.95 24.86
C ASP A 528 -1.04 -21.84 25.12
N THR A 529 -2.08 -21.70 24.29
CA THR A 529 -3.25 -22.56 24.44
C THR A 529 -3.01 -23.96 23.89
N TYR A 530 -2.30 -24.08 22.77
CA TYR A 530 -2.09 -25.39 22.12
C TYR A 530 -0.63 -25.79 22.19
N PRO A 531 -0.27 -26.87 22.88
CA PRO A 531 1.14 -27.23 23.03
C PRO A 531 1.73 -27.96 21.83
N ASP A 532 0.90 -28.71 21.10
CA ASP A 532 1.41 -29.54 20.03
C ASP A 532 1.85 -28.73 18.81
N LEU A 533 1.34 -27.52 18.65
CA LEU A 533 1.72 -26.69 17.51
C LEU A 533 3.15 -26.21 17.66
N HIS A 534 3.84 -26.09 16.53
CA HIS A 534 5.19 -25.54 16.47
C HIS A 534 5.17 -24.22 15.70
N VAL A 535 5.92 -23.24 16.20
CA VAL A 535 6.05 -21.93 15.57
C VAL A 535 7.53 -21.64 15.39
N ILE A 536 7.91 -21.23 14.19
CA ILE A 536 9.29 -20.94 13.84
C ILE A 536 9.38 -19.47 13.43
N LEU A 537 10.22 -18.71 14.12
CA LEU A 537 10.42 -17.31 13.79
C LEU A 537 11.74 -17.13 13.06
N MET A 538 11.85 -16.02 12.33
CA MET A 538 13.03 -15.74 11.53
C MET A 538 13.44 -14.28 11.74
N SER A 539 14.74 -14.04 11.71
CA SER A 539 15.28 -12.71 11.97
C SER A 539 16.56 -12.52 11.18
N ALA A 540 16.98 -11.26 11.06
CA ALA A 540 18.26 -10.92 10.44
C ALA A 540 19.24 -10.34 11.45
N THR A 541 18.87 -9.23 12.11
CA THR A 541 19.63 -8.72 13.25
C THR A 541 18.73 -7.78 14.04
N ILE A 542 18.43 -8.16 15.28
CA ILE A 542 17.65 -7.32 16.19
C ILE A 542 18.02 -7.76 17.60
N ASP A 543 17.59 -7.01 18.60
CA ASP A 543 17.85 -7.35 20.00
C ASP A 543 17.31 -8.74 20.30
N THR A 544 18.21 -9.69 20.56
CA THR A 544 17.80 -11.07 20.80
C THR A 544 17.02 -11.21 22.09
N THR A 545 17.46 -10.51 23.15
CA THR A 545 16.93 -10.76 24.48
C THR A 545 15.45 -10.40 24.58
N LYS A 546 15.00 -9.35 23.90
CA LYS A 546 13.60 -8.96 24.00
C LYS A 546 12.69 -9.98 23.34
N PHE A 547 13.06 -10.49 22.17
CA PHE A 547 12.26 -11.51 21.51
C PHE A 547 12.33 -12.84 22.26
N SER A 548 13.46 -13.14 22.88
CA SER A 548 13.54 -14.33 23.74
C SER A 548 12.60 -14.21 24.92
N LYS A 549 12.64 -13.07 25.61
CA LYS A 549 11.80 -12.86 26.79
C LYS A 549 10.32 -12.74 26.43
N TYR A 550 10.00 -12.44 25.17
CA TYR A 550 8.60 -12.41 24.76
C TYR A 550 7.93 -13.76 24.92
N PHE A 551 8.70 -14.85 24.93
CA PHE A 551 8.16 -16.20 25.11
C PHE A 551 8.61 -16.84 26.41
N GLY A 552 9.11 -16.04 27.36
CA GLY A 552 9.68 -16.59 28.57
C GLY A 552 10.96 -17.37 28.30
N ILE A 553 11.83 -16.79 27.47
CA ILE A 553 13.11 -17.36 27.09
C ILE A 553 12.91 -18.63 26.28
N CYS A 554 13.04 -18.51 24.96
CA CYS A 554 12.98 -19.62 24.02
C CYS A 554 14.27 -19.64 23.20
N PRO A 555 14.65 -20.81 22.67
CA PRO A 555 15.94 -20.90 21.97
C PRO A 555 16.04 -19.93 20.81
N VAL A 556 17.24 -19.35 20.67
CA VAL A 556 17.57 -18.49 19.54
C VAL A 556 18.78 -19.11 18.84
N LEU A 557 18.61 -19.45 17.57
CA LEU A 557 19.63 -20.16 16.81
C LEU A 557 20.17 -19.26 15.72
N GLU A 558 21.49 -19.11 15.67
CA GLU A 558 22.16 -18.23 14.74
C GLU A 558 23.10 -19.04 13.85
N VAL A 559 22.81 -18.91 12.56
CA VAL A 559 23.50 -19.71 11.53
C VAL A 559 23.96 -18.80 10.42
N PRO A 560 25.22 -18.39 10.34
CA PRO A 560 25.65 -17.41 9.33
C PRO A 560 25.48 -17.90 7.89
N GLY A 561 25.67 -16.99 6.94
CA GLY A 561 25.59 -17.35 5.52
C GLY A 561 26.86 -16.94 4.80
N ARG A 562 26.87 -16.95 3.46
CA ARG A 562 28.12 -16.66 2.72
C ARG A 562 28.19 -15.17 2.36
N ALA A 563 28.22 -14.28 3.36
CA ALA A 563 28.16 -12.83 3.10
C ALA A 563 29.50 -12.29 2.60
N PHE A 564 29.82 -12.48 1.33
CA PHE A 564 31.05 -11.83 0.85
C PHE A 564 31.04 -10.36 1.28
N PRO A 565 32.18 -9.70 1.57
CA PRO A 565 32.18 -8.33 2.11
C PRO A 565 31.82 -7.20 1.13
N VAL A 566 31.21 -6.11 1.61
CA VAL A 566 30.73 -5.02 0.72
C VAL A 566 31.46 -3.73 1.08
N GLN A 567 32.23 -3.15 0.15
CA GLN A 567 33.05 -1.93 0.38
C GLN A 567 32.17 -0.70 0.31
N GLN A 568 32.03 0.01 1.41
CA GLN A 568 31.09 1.12 1.46
C GLN A 568 31.79 2.40 0.97
N PHE A 569 31.26 2.98 -0.10
CA PHE A 569 31.76 4.24 -0.64
C PHE A 569 30.64 5.26 -0.58
N PHE A 570 30.87 6.36 0.13
CA PHE A 570 29.85 7.38 0.31
C PHE A 570 29.94 8.42 -0.80
N LEU A 571 29.18 9.51 -0.66
CA LEU A 571 29.12 10.53 -1.69
C LEU A 571 30.46 11.23 -1.88
N GLU A 572 31.30 11.26 -0.83
CA GLU A 572 32.61 11.90 -0.93
C GLU A 572 33.47 11.22 -1.99
N ASP A 573 33.49 9.88 -2.00
CA ASP A 573 34.32 9.16 -2.95
C ASP A 573 33.82 9.37 -4.38
N ILE A 574 32.50 9.39 -4.58
CA ILE A 574 31.97 9.63 -5.91
C ILE A 574 32.32 11.04 -6.38
N ILE A 575 32.24 12.03 -5.48
CA ILE A 575 32.62 13.39 -5.84
C ILE A 575 34.10 13.44 -6.23
N GLN A 576 34.96 12.81 -5.43
CA GLN A 576 36.39 12.90 -5.66
C GLN A 576 36.85 12.05 -6.84
N MET A 577 36.06 11.08 -7.27
CA MET A 577 36.43 10.24 -8.41
C MET A 577 35.85 10.75 -9.72
N THR A 578 34.53 11.01 -9.74
CA THR A 578 33.87 11.47 -10.96
C THR A 578 33.99 12.97 -11.19
N ASP A 579 34.53 13.72 -10.22
CA ASP A 579 34.64 15.17 -10.31
C ASP A 579 33.29 15.80 -10.61
N PHE A 580 32.30 15.46 -9.78
CA PHE A 580 30.93 15.91 -9.99
C PHE A 580 30.84 17.41 -9.79
N VAL A 581 30.74 18.15 -10.88
CA VAL A 581 30.53 19.60 -10.85
C VAL A 581 29.11 19.87 -11.35
N PRO A 582 28.21 20.35 -10.50
CA PRO A 582 26.84 20.63 -10.95
C PRO A 582 26.81 21.64 -12.08
N SER A 583 25.93 21.40 -13.05
CA SER A 583 25.78 22.32 -14.17
C SER A 583 25.03 23.58 -13.74
N ALA A 584 25.36 24.69 -14.42
CA ALA A 584 24.77 25.98 -14.06
C ALA A 584 23.26 25.99 -14.26
N GLU A 585 22.81 25.40 -15.37
CA GLU A 585 21.37 25.35 -15.65
C GLU A 585 20.64 24.55 -14.58
N SER A 586 21.16 23.35 -14.25
CA SER A 586 20.57 22.56 -13.17
C SER A 586 20.67 23.29 -11.84
N ARG A 587 21.82 23.92 -11.59
CA ARG A 587 21.97 24.75 -10.39
C ARG A 587 20.89 25.81 -10.32
N ARG A 588 20.69 26.53 -11.42
CA ARG A 588 19.69 27.61 -11.43
C ARG A 588 18.29 27.05 -11.18
N LYS A 589 17.98 25.88 -11.77
CA LYS A 589 16.68 25.26 -11.49
C LYS A 589 16.53 24.94 -10.01
N ARG A 590 17.56 24.35 -9.40
CA ARG A 590 17.43 23.98 -7.98
C ARG A 590 17.26 25.20 -7.08
N LYS A 591 18.06 26.25 -7.28
CA LYS A 591 17.90 27.45 -6.45
C LYS A 591 16.57 28.14 -6.71
N GLU A 592 16.09 28.19 -7.95
CA GLU A 592 14.81 28.83 -8.18
C GLU A 592 13.67 28.03 -7.54
N VAL A 593 13.74 26.70 -7.61
CA VAL A 593 12.71 25.87 -6.98
C VAL A 593 12.75 26.05 -5.46
N GLU A 594 13.96 26.06 -4.89
CA GLU A 594 14.10 26.23 -3.44
C GLU A 594 13.58 27.58 -2.98
N ASP A 595 13.95 28.65 -3.68
CA ASP A 595 13.44 29.96 -3.36
C ASP A 595 11.93 29.99 -3.48
N GLU A 596 11.38 29.25 -4.43
CA GLU A 596 9.93 29.24 -4.61
C GLU A 596 9.23 28.56 -3.42
N GLU A 597 9.72 27.41 -2.99
CA GLU A 597 8.99 26.71 -1.93
C GLU A 597 9.20 27.38 -0.58
N GLN A 598 10.35 28.01 -0.37
CA GLN A 598 10.59 28.67 0.90
C GLN A 598 9.88 30.03 1.02
N LEU A 599 9.17 30.47 -0.02
CA LEU A 599 8.43 31.71 0.08
C LEU A 599 7.36 31.64 1.17
N LEU A 600 6.90 30.44 1.50
CA LEU A 600 5.93 30.25 2.58
C LEU A 600 6.69 30.16 3.90
N SER A 601 6.48 31.14 4.76
CA SER A 601 7.15 31.18 6.06
C SER A 601 6.14 31.15 7.20
N ALA A 607 16.39 24.54 10.80
CA ALA A 607 16.89 23.23 11.20
C ALA A 607 17.76 22.62 10.11
N GLU A 608 18.00 23.40 9.05
CA GLU A 608 18.81 22.96 7.92
C GLU A 608 20.28 23.02 8.32
N ILE A 609 20.74 22.00 9.05
CA ILE A 609 22.16 21.93 9.38
C ILE A 609 22.99 21.67 8.13
N ASN A 610 22.41 20.95 7.16
CA ASN A 610 23.00 20.78 5.83
C ASN A 610 24.37 20.11 5.93
N TYR A 611 24.35 18.84 6.34
CA TYR A 611 25.57 18.06 6.51
C TYR A 611 26.31 17.89 5.18
N ASN A 612 25.70 18.32 4.08
CA ASN A 612 26.35 18.28 2.78
C ASN A 612 27.41 19.37 2.63
N LYS A 613 27.67 20.15 3.68
CA LYS A 613 28.75 21.12 3.69
C LYS A 613 29.91 20.69 4.57
N VAL A 614 29.70 19.78 5.51
CA VAL A 614 30.74 19.33 6.42
C VAL A 614 31.61 18.30 5.70
N CYS A 615 32.92 18.52 5.71
CA CYS A 615 33.85 17.61 5.06
C CYS A 615 35.20 17.71 5.76
N GLU A 616 35.99 16.66 5.60
CA GLU A 616 37.32 16.62 6.20
C GLU A 616 38.33 17.38 5.35
N ASP A 617 39.51 17.59 5.91
CA ASP A 617 40.59 18.28 5.20
C ASP A 617 41.30 17.39 4.19
N LYS A 618 41.11 16.07 4.25
CA LYS A 618 41.77 15.17 3.31
C LYS A 618 41.27 15.43 1.88
N TYR A 619 39.97 15.64 1.72
CA TYR A 619 39.40 15.83 0.39
C TYR A 619 39.81 17.18 -0.19
N SER A 620 39.91 17.22 -1.51
CA SER A 620 40.38 18.40 -2.22
C SER A 620 39.36 19.54 -2.11
N GLN A 621 39.83 20.75 -2.43
CA GLN A 621 38.98 21.93 -2.32
C GLN A 621 37.82 21.88 -3.31
N LYS A 622 38.06 21.38 -4.52
CA LYS A 622 36.98 21.26 -5.49
C LYS A 622 35.92 20.27 -5.03
N THR A 623 36.33 19.22 -4.31
CA THR A 623 35.37 18.30 -3.72
C THR A 623 34.51 19.00 -2.67
N ARG A 624 35.12 19.85 -1.84
CA ARG A 624 34.35 20.61 -0.85
C ARG A 624 33.39 21.56 -1.53
N ASN A 625 33.81 22.19 -2.62
CA ASN A 625 32.90 23.05 -3.37
C ASN A 625 31.72 22.26 -3.92
N ALA A 626 32.00 21.14 -4.60
CA ALA A 626 30.94 20.28 -5.11
C ALA A 626 29.98 19.86 -4.01
N MET A 627 30.50 19.64 -2.79
CA MET A 627 29.63 19.46 -1.64
C MET A 627 28.77 20.70 -1.40
N ALA A 628 29.38 21.89 -1.51
CA ALA A 628 28.68 23.12 -1.18
C ALA A 628 27.50 23.37 -2.12
N MET A 629 27.68 23.12 -3.42
CA MET A 629 26.59 23.31 -4.37
C MET A 629 25.82 22.02 -4.67
N LEU A 630 25.65 21.16 -3.67
CA LEU A 630 24.75 20.02 -3.77
C LEU A 630 23.82 20.01 -2.56
N SER A 631 22.58 19.61 -2.78
CA SER A 631 21.55 19.62 -1.75
C SER A 631 21.19 18.20 -1.36
N GLU A 632 21.14 17.93 -0.05
CA GLU A 632 20.77 16.60 0.44
C GLU A 632 19.26 16.42 0.55
N SER A 633 18.49 17.50 0.46
CA SER A 633 17.04 17.39 0.61
C SER A 633 16.42 16.61 -0.56
N ASP A 634 16.94 16.80 -1.76
CA ASP A 634 16.44 16.15 -2.96
C ASP A 634 17.63 15.56 -3.69
N VAL A 635 17.42 14.42 -4.35
CA VAL A 635 18.51 13.70 -5.02
C VAL A 635 18.62 14.18 -6.45
N SER A 636 19.82 14.61 -6.84
CA SER A 636 20.07 15.17 -8.15
C SER A 636 20.28 14.04 -9.15
N PHE A 637 19.53 14.09 -10.26
CA PHE A 637 19.66 13.07 -11.30
C PHE A 637 21.04 13.10 -11.94
N GLU A 638 21.72 14.25 -11.95
CA GLU A 638 23.07 14.31 -12.50
C GLU A 638 24.05 13.48 -11.67
N LEU A 639 23.91 13.52 -10.34
CA LEU A 639 24.76 12.70 -9.48
C LEU A 639 24.51 11.22 -9.73
N LEU A 640 23.25 10.82 -9.89
CA LEU A 640 22.94 9.43 -10.20
C LEU A 640 23.52 9.02 -11.55
N GLU A 641 23.42 9.91 -12.55
CA GLU A 641 23.99 9.61 -13.86
C GLU A 641 25.50 9.43 -13.77
N ALA A 642 26.17 10.29 -13.00
CA ALA A 642 27.61 10.15 -12.80
C ALA A 642 27.94 8.84 -12.09
N LEU A 643 27.12 8.46 -11.11
CA LEU A 643 27.33 7.19 -10.40
C LEU A 643 27.23 6.01 -11.36
N LEU A 644 26.19 6.00 -12.20
CA LEU A 644 26.03 4.89 -13.14
C LEU A 644 27.14 4.88 -14.18
N MET A 645 27.60 6.07 -14.61
CA MET A 645 28.71 6.13 -15.55
C MET A 645 29.97 5.56 -14.93
N HIS A 646 30.24 5.89 -13.65
CA HIS A 646 31.41 5.35 -12.98
C HIS A 646 31.30 3.84 -12.82
N ILE A 647 30.10 3.34 -12.48
CA ILE A 647 29.91 1.91 -12.32
C ILE A 647 30.12 1.19 -13.65
N LYS A 648 29.64 1.78 -14.75
CA LYS A 648 29.91 1.22 -16.06
C LYS A 648 31.39 1.23 -16.37
N SER A 649 32.10 2.30 -15.98
CA SER A 649 33.54 2.36 -16.17
C SER A 649 34.25 1.27 -15.38
N LYS A 650 33.68 0.86 -14.24
CA LYS A 650 34.24 -0.27 -13.49
C LYS A 650 34.20 -1.55 -14.32
N ASN A 651 33.18 -1.70 -15.16
CA ASN A 651 33.05 -2.84 -16.08
C ASN A 651 33.04 -4.17 -15.34
N ILE A 652 32.47 -4.20 -14.14
CA ILE A 652 32.34 -5.41 -13.34
C ILE A 652 30.93 -5.94 -13.51
N PRO A 653 30.73 -7.15 -14.03
CA PRO A 653 29.36 -7.67 -14.22
C PRO A 653 28.65 -7.83 -12.88
N GLY A 654 27.33 -7.65 -12.93
CA GLY A 654 26.51 -7.76 -11.74
C GLY A 654 25.37 -6.78 -11.72
N ALA A 655 24.18 -7.23 -11.35
CA ALA A 655 23.01 -6.37 -11.33
C ALA A 655 23.15 -5.29 -10.25
N ILE A 656 22.49 -4.17 -10.49
CA ILE A 656 22.59 -2.98 -9.65
C ILE A 656 21.22 -2.66 -9.08
N LEU A 657 21.18 -2.35 -7.79
CA LEU A 657 19.93 -2.02 -7.11
C LEU A 657 19.95 -0.57 -6.67
N VAL A 658 18.83 0.11 -6.84
CA VAL A 658 18.65 1.49 -6.42
C VAL A 658 17.47 1.54 -5.46
N PHE A 659 17.71 1.98 -4.23
CA PHE A 659 16.68 2.04 -3.20
C PHE A 659 16.06 3.44 -3.17
N LEU A 660 15.32 3.74 -4.23
CA LEU A 660 14.61 5.00 -4.29
C LEU A 660 13.49 5.03 -3.25
N PRO A 661 13.13 6.22 -2.76
CA PRO A 661 12.18 6.29 -1.64
C PRO A 661 10.72 6.12 -2.06
N GLY A 662 10.32 6.66 -3.21
CA GLY A 662 8.92 6.71 -3.56
C GLY A 662 8.68 6.30 -5.01
N TRP A 663 7.39 6.18 -5.33
CA TRP A 663 6.98 5.77 -6.67
C TRP A 663 7.27 6.87 -7.68
N ASN A 664 6.95 8.11 -7.32
CA ASN A 664 7.11 9.23 -8.25
C ASN A 664 8.56 9.39 -8.66
N LEU A 665 9.48 9.28 -7.70
CA LEU A 665 10.90 9.37 -8.02
C LEU A 665 11.34 8.19 -8.88
N ILE A 666 10.77 7.00 -8.64
CA ILE A 666 11.10 5.84 -9.45
C ILE A 666 10.71 6.08 -10.90
N PHE A 667 9.50 6.56 -11.13
CA PHE A 667 9.05 6.80 -12.50
C PHE A 667 9.83 7.93 -13.15
N ALA A 668 10.13 8.99 -12.39
CA ALA A 668 10.91 10.09 -12.94
C ALA A 668 12.30 9.62 -13.35
N LEU A 669 12.95 8.80 -12.51
CA LEU A 669 14.27 8.31 -12.85
C LEU A 669 14.23 7.33 -14.02
N MET A 670 13.17 6.54 -14.11
CA MET A 670 13.01 5.66 -15.27
C MET A 670 12.87 6.48 -16.55
N LYS A 671 12.08 7.54 -16.51
CA LYS A 671 11.93 8.41 -17.68
C LYS A 671 13.24 9.10 -18.02
N PHE A 672 14.02 9.49 -17.01
CA PHE A 672 15.32 10.09 -17.27
C PHE A 672 16.23 9.09 -17.98
N LEU A 673 16.38 7.89 -17.39
CA LEU A 673 17.32 6.91 -17.91
C LEU A 673 16.85 6.28 -19.22
N GLN A 674 15.59 6.45 -19.58
CA GLN A 674 15.14 6.10 -20.93
C GLN A 674 15.26 7.27 -21.89
N ASN A 675 15.21 8.50 -21.37
CA ASN A 675 15.50 9.67 -22.19
C ASN A 675 16.96 9.68 -22.64
N THR A 676 17.87 9.31 -21.74
CA THR A 676 19.29 9.31 -22.08
C THR A 676 19.58 8.28 -23.17
N ASN A 677 20.28 8.71 -24.21
CA ASN A 677 20.61 7.81 -25.31
C ASN A 677 21.56 6.71 -24.86
N ILE A 678 22.53 7.04 -24.01
CA ILE A 678 23.52 6.05 -23.57
C ILE A 678 22.86 4.99 -22.69
N PHE A 679 22.02 5.41 -21.74
CA PHE A 679 21.40 4.49 -20.80
C PHE A 679 20.06 3.95 -21.29
N GLY A 680 19.58 4.40 -22.45
CA GLY A 680 18.36 3.90 -23.02
C GLY A 680 18.52 2.71 -23.94
N ASP A 681 19.73 2.17 -24.06
CA ASP A 681 19.98 1.05 -24.95
C ASP A 681 19.21 -0.18 -24.49
N THR A 682 18.42 -0.75 -25.41
CA THR A 682 17.62 -1.93 -25.06
C THR A 682 18.50 -3.15 -24.81
N SER A 683 19.61 -3.27 -25.52
CA SER A 683 20.49 -4.43 -25.41
C SER A 683 21.61 -4.23 -24.40
N GLN A 684 21.67 -3.08 -23.73
CA GLN A 684 22.74 -2.80 -22.79
C GLN A 684 22.25 -2.37 -21.42
N TYR A 685 21.07 -1.77 -21.31
CA TYR A 685 20.54 -1.34 -20.02
C TYR A 685 19.05 -1.65 -19.96
N GLN A 686 18.58 -1.91 -18.75
CA GLN A 686 17.18 -2.25 -18.53
C GLN A 686 16.78 -1.86 -17.12
N ILE A 687 15.59 -1.28 -16.98
CA ILE A 687 15.05 -0.87 -15.69
C ILE A 687 13.75 -1.61 -15.45
N LEU A 688 13.65 -2.28 -14.31
CA LEU A 688 12.43 -2.95 -13.90
C LEU A 688 12.08 -2.49 -12.48
N PRO A 689 11.13 -1.58 -12.33
CA PRO A 689 10.71 -1.18 -10.98
C PRO A 689 10.14 -2.37 -10.23
N CYS A 690 10.43 -2.43 -8.93
CA CYS A 690 10.16 -3.62 -8.12
C CYS A 690 9.38 -3.19 -6.88
N HIS A 691 8.06 -3.18 -6.99
CA HIS A 691 7.19 -2.86 -5.87
C HIS A 691 6.14 -3.97 -5.71
N SER A 692 5.51 -3.99 -4.54
CA SER A 692 4.58 -5.06 -4.22
C SER A 692 3.35 -5.02 -5.10
N GLN A 693 2.79 -3.84 -5.35
CA GLN A 693 1.49 -3.71 -6.00
C GLN A 693 1.57 -3.05 -7.37
N ILE A 694 2.67 -3.27 -8.08
CA ILE A 694 2.75 -2.94 -9.51
C ILE A 694 2.06 -4.05 -10.28
N PRO A 695 1.76 -3.87 -11.56
CA PRO A 695 1.13 -4.94 -12.33
C PRO A 695 1.94 -6.24 -12.28
N ARG A 696 1.23 -7.36 -12.25
CA ARG A 696 1.87 -8.67 -12.10
C ARG A 696 2.85 -8.96 -13.23
N ASP A 697 2.57 -8.46 -14.44
CA ASP A 697 3.47 -8.71 -15.55
C ASP A 697 4.84 -8.11 -15.31
N GLU A 698 4.89 -6.89 -14.77
CA GLU A 698 6.17 -6.27 -14.45
C GLU A 698 6.91 -7.03 -13.37
N GLN A 699 6.19 -7.53 -12.35
CA GLN A 699 6.83 -8.33 -11.32
C GLN A 699 7.41 -9.61 -11.90
N ARG A 700 6.69 -10.25 -12.82
CA ARG A 700 7.23 -11.43 -13.48
C ARG A 700 8.47 -11.08 -14.31
N LYS A 701 8.44 -9.93 -14.98
CA LYS A 701 9.59 -9.48 -15.76
C LYS A 701 10.80 -9.18 -14.88
N VAL A 702 10.57 -8.78 -13.63
CA VAL A 702 11.68 -8.44 -12.74
C VAL A 702 12.60 -9.63 -12.54
N PHE A 703 12.03 -10.81 -12.28
CA PHE A 703 12.83 -11.98 -11.97
C PHE A 703 13.31 -12.74 -13.20
N GLU A 704 12.80 -12.42 -14.38
CA GLU A 704 13.14 -13.19 -15.57
C GLU A 704 14.59 -12.93 -15.97
N PRO A 705 15.41 -13.98 -16.15
CA PRO A 705 16.82 -13.77 -16.54
C PRO A 705 16.93 -13.16 -17.93
N VAL A 706 18.16 -12.81 -18.28
CA VAL A 706 18.44 -12.15 -19.56
C VAL A 706 19.64 -12.81 -20.24
N PRO A 707 19.69 -12.83 -21.57
CA PRO A 707 20.89 -13.32 -22.26
C PRO A 707 22.09 -12.43 -21.94
N GLU A 708 23.25 -13.07 -21.85
CA GLU A 708 24.52 -12.38 -21.59
C GLU A 708 24.44 -11.56 -20.31
N GLY A 709 24.13 -10.28 -20.45
CA GLY A 709 24.03 -9.38 -19.31
C GLY A 709 23.58 -8.00 -19.71
N VAL A 710 22.70 -7.39 -18.92
CA VAL A 710 22.13 -6.10 -19.29
C VAL A 710 22.30 -5.16 -18.10
N THR A 711 22.71 -5.72 -16.95
CA THR A 711 22.94 -4.97 -15.72
C THR A 711 21.65 -4.26 -15.29
N LYS A 712 20.67 -5.09 -14.92
CA LYS A 712 19.36 -4.61 -14.47
C LYS A 712 19.50 -3.53 -13.42
N ILE A 713 18.85 -2.40 -13.66
CA ILE A 713 18.80 -1.30 -12.69
C ILE A 713 17.44 -1.42 -12.01
N ILE A 714 17.40 -2.15 -10.89
CA ILE A 714 16.15 -2.43 -10.20
C ILE A 714 15.84 -1.22 -9.31
N LEU A 715 14.96 -0.35 -9.78
CA LEU A 715 14.49 0.79 -8.99
C LEU A 715 13.39 0.32 -8.07
N SER A 716 13.72 0.05 -6.81
CA SER A 716 12.77 -0.50 -5.87
C SER A 716 12.80 0.30 -4.57
N THR A 717 11.76 0.10 -3.76
CA THR A 717 11.66 0.73 -2.45
C THR A 717 12.25 -0.23 -1.41
N ASN A 718 12.09 0.08 -0.13
CA ASN A 718 12.68 -0.72 0.93
C ASN A 718 11.93 -2.02 1.21
N ILE A 719 10.65 -2.10 0.87
CA ILE A 719 9.85 -3.28 1.22
C ILE A 719 10.29 -4.51 0.43
N ALA A 720 10.83 -4.33 -0.77
CA ALA A 720 11.13 -5.42 -1.69
C ALA A 720 12.61 -5.81 -1.65
N GLU A 721 13.23 -5.80 -0.47
CA GLU A 721 14.66 -6.03 -0.35
C GLU A 721 15.04 -7.37 0.26
N THR A 722 14.10 -8.09 0.86
CA THR A 722 14.42 -9.27 1.67
C THR A 722 13.86 -10.54 1.06
N SER A 723 14.63 -11.63 1.20
CA SER A 723 14.18 -13.00 1.03
C SER A 723 13.91 -13.39 -0.42
N ILE A 724 14.05 -12.47 -1.35
CA ILE A 724 13.79 -12.76 -2.76
C ILE A 724 15.08 -13.05 -3.52
N THR A 725 16.12 -12.26 -3.27
CA THR A 725 17.47 -12.44 -3.81
C THR A 725 17.52 -12.14 -5.30
N ILE A 726 16.36 -11.95 -5.93
CA ILE A 726 16.21 -11.75 -7.37
C ILE A 726 17.27 -12.53 -8.15
N ASP A 727 18.45 -11.95 -8.29
CA ASP A 727 19.58 -12.60 -8.95
C ASP A 727 20.86 -12.03 -8.35
N ASP A 728 21.98 -12.26 -9.02
CA ASP A 728 23.27 -11.76 -8.56
C ASP A 728 23.22 -10.24 -8.42
N ILE A 729 23.42 -9.76 -7.20
CA ILE A 729 23.40 -8.33 -6.89
C ILE A 729 24.76 -7.94 -6.33
N VAL A 730 25.39 -6.94 -6.94
CA VAL A 730 26.73 -6.50 -6.57
C VAL A 730 26.72 -5.07 -6.03
N PHE A 731 26.25 -4.12 -6.82
CA PHE A 731 26.28 -2.71 -6.44
C PHE A 731 24.89 -2.26 -6.01
N VAL A 732 24.83 -1.49 -4.92
CA VAL A 732 23.59 -0.90 -4.43
C VAL A 732 23.77 0.61 -4.46
N ILE A 733 22.87 1.29 -5.17
CA ILE A 733 22.84 2.75 -5.19
C ILE A 733 21.75 3.16 -4.22
N ASP A 734 22.14 3.35 -2.96
CA ASP A 734 21.20 3.66 -1.89
C ASP A 734 21.09 5.17 -1.78
N ILE A 735 19.95 5.72 -2.21
CA ILE A 735 19.68 7.15 -2.05
C ILE A 735 19.60 7.52 -0.57
N CYS A 736 19.37 6.53 0.30
CA CYS A 736 19.38 6.70 1.76
C CYS A 736 18.19 7.48 2.26
N LYS A 737 17.05 7.38 1.57
CA LYS A 737 15.82 8.05 1.96
C LYS A 737 14.69 7.03 2.01
N ALA A 738 13.78 7.21 2.97
CA ALA A 738 12.67 6.30 3.17
C ALA A 738 11.37 7.09 3.18
N ARG A 739 10.40 6.65 2.39
CA ARG A 739 9.11 7.33 2.26
C ARG A 739 8.21 6.84 3.39
N MET A 740 8.53 7.29 4.61
CA MET A 740 7.79 6.90 5.80
C MET A 740 6.53 7.74 5.92
N LYS A 741 5.38 7.07 5.89
CA LYS A 741 4.12 7.75 6.20
C LYS A 741 4.16 8.22 7.65
N LEU A 742 3.98 9.53 7.84
CA LEU A 742 4.09 10.13 9.17
C LEU A 742 2.80 9.91 9.94
N PHE A 743 2.65 10.62 11.06
CA PHE A 743 1.38 10.77 11.77
C PHE A 743 0.78 9.47 12.29
N THR A 744 -0.21 9.60 13.17
CA THR A 744 -1.01 8.47 13.63
C THR A 744 -2.42 8.98 13.85
N SER A 745 -3.38 8.05 13.86
CA SER A 745 -4.79 8.37 14.10
C SER A 745 -5.35 9.32 13.04
N HIS A 746 -6.52 9.89 13.28
CA HIS A 746 -7.22 10.64 12.23
C HIS A 746 -6.60 12.00 11.95
N ASN A 747 -5.70 12.49 12.80
CA ASN A 747 -5.16 13.84 12.62
C ASN A 747 -4.38 13.98 11.32
N ASN A 748 -4.98 14.72 10.38
CA ASN A 748 -4.46 15.07 9.05
C ASN A 748 -4.46 13.88 8.10
N LEU A 749 -4.63 12.67 8.64
CA LEU A 749 -5.06 11.49 7.91
C LEU A 749 -4.11 11.05 6.79
N THR A 750 -3.11 11.87 6.46
CA THR A 750 -2.24 11.56 5.34
C THR A 750 -1.00 12.45 5.40
N SER A 751 0.16 11.85 5.14
CA SER A 751 1.42 12.56 4.94
C SER A 751 2.43 11.57 4.40
N TYR A 752 3.16 11.96 3.35
CA TYR A 752 4.05 11.05 2.64
C TYR A 752 5.41 11.71 2.40
N ALA A 753 5.97 12.31 3.44
CA ALA A 753 7.29 12.92 3.32
C ALA A 753 8.36 11.87 3.09
N THR A 754 9.40 12.27 2.38
CA THR A 754 10.57 11.41 2.15
C THR A 754 11.56 11.65 3.28
N VAL A 755 11.72 10.64 4.14
CA VAL A 755 12.45 10.79 5.40
C VAL A 755 13.75 9.99 5.32
N TRP A 756 14.78 10.52 5.98
CA TRP A 756 16.09 9.87 5.98
C TRP A 756 16.01 8.47 6.58
N ALA A 757 16.84 7.58 6.05
CA ALA A 757 16.90 6.20 6.54
C ALA A 757 17.69 6.17 7.86
N SER A 758 17.96 4.97 8.36
CA SER A 758 18.65 4.78 9.61
C SER A 758 19.89 3.90 9.40
N LYS A 759 20.67 3.77 10.47
CA LYS A 759 21.89 2.98 10.40
C LYS A 759 21.60 1.50 10.18
N THR A 760 20.60 0.95 10.88
CA THR A 760 20.31 -0.47 10.74
C THR A 760 19.80 -0.80 9.33
N ASN A 761 18.95 0.07 8.77
CA ASN A 761 18.50 -0.14 7.40
C ASN A 761 19.66 0.01 6.42
N LEU A 762 20.58 0.93 6.68
CA LEU A 762 21.75 1.06 5.83
C LEU A 762 22.59 -0.20 5.87
N GLU A 763 22.78 -0.78 7.05
CA GLU A 763 23.54 -2.03 7.16
C GLU A 763 22.82 -3.17 6.44
N GLN A 764 21.50 -3.25 6.59
CA GLN A 764 20.75 -4.31 5.93
C GLN A 764 20.83 -4.18 4.41
N ARG A 765 20.73 -2.96 3.89
CA ARG A 765 20.79 -2.74 2.45
C ARG A 765 22.22 -2.90 1.92
N LYS A 766 23.23 -2.64 2.77
CA LYS A 766 24.60 -2.92 2.38
C LYS A 766 24.85 -4.42 2.28
N GLY A 767 24.43 -5.17 3.31
CA GLY A 767 24.52 -6.62 3.26
C GLY A 767 23.65 -7.23 2.18
N ARG A 768 22.62 -6.51 1.73
CA ARG A 768 21.83 -6.96 0.59
C ARG A 768 22.69 -7.10 -0.66
N ALA A 769 23.73 -6.30 -0.79
CA ALA A 769 24.68 -6.41 -1.88
C ALA A 769 25.81 -7.36 -1.50
N GLY A 770 26.50 -7.86 -2.52
CA GLY A 770 27.65 -8.70 -2.31
C GLY A 770 27.33 -10.08 -1.78
N ARG A 771 26.20 -10.58 -2.23
CA ARG A 771 25.79 -11.97 -1.81
C ARG A 771 26.01 -12.92 -3.01
N VAL A 772 26.73 -12.31 -3.94
CA VAL A 772 27.13 -13.15 -5.09
C VAL A 772 28.66 -12.98 -5.16
N ARG A 773 29.19 -11.75 -5.18
CA ARG A 773 30.67 -11.48 -5.13
C ARG A 773 30.85 -10.23 -4.27
N PRO A 774 31.93 -10.05 -3.49
CA PRO A 774 32.00 -8.90 -2.58
C PRO A 774 31.66 -7.67 -3.42
N GLY A 775 30.68 -6.90 -3.00
CA GLY A 775 30.26 -5.80 -3.87
C GLY A 775 30.46 -4.47 -3.17
N PHE A 776 29.81 -3.38 -3.62
CA PHE A 776 29.95 -2.07 -3.01
C PHE A 776 28.59 -1.43 -2.84
N CYS A 777 28.37 -0.82 -1.67
CA CYS A 777 27.12 -0.13 -1.36
C CYS A 777 27.37 1.36 -1.50
N PHE A 778 27.09 1.89 -2.70
CA PHE A 778 27.34 3.30 -3.01
C PHE A 778 26.26 4.15 -2.35
N THR A 779 26.37 4.32 -1.04
CA THR A 779 25.46 5.18 -0.32
C THR A 779 25.65 6.63 -0.75
N LEU A 780 24.57 7.39 -0.76
CA LEU A 780 24.58 8.77 -1.23
C LEU A 780 24.27 9.72 -0.07
N CYS A 781 25.31 10.08 0.68
CA CYS A 781 25.23 11.09 1.72
C CYS A 781 26.65 11.39 2.18
N SER A 782 26.79 12.48 2.92
CA SER A 782 28.07 12.82 3.53
C SER A 782 28.32 11.91 4.73
N ARG A 783 29.61 11.72 5.04
CA ARG A 783 29.96 10.86 6.17
C ARG A 783 29.45 11.43 7.48
N ALA A 784 29.38 12.76 7.59
CA ALA A 784 28.81 13.36 8.79
C ALA A 784 27.33 13.01 8.94
N ARG A 785 26.59 13.03 7.82
CA ARG A 785 25.18 12.68 7.87
C ARG A 785 24.98 11.23 8.31
N PHE A 786 25.81 10.32 7.80
CA PHE A 786 25.76 8.93 8.27
C PHE A 786 26.10 8.86 9.75
N GLN A 787 27.11 9.60 10.20
CA GLN A 787 27.47 9.60 11.61
C GLN A 787 26.34 10.12 12.48
N ALA A 788 25.48 10.99 11.94
CA ALA A 788 24.33 11.51 12.68
C ALA A 788 23.05 10.74 12.40
N LEU A 789 23.08 9.72 11.55
CA LEU A 789 21.88 8.95 11.28
C LEU A 789 21.46 8.16 12.51
N GLU A 790 20.14 8.02 12.69
CA GLU A 790 19.61 7.33 13.84
C GLU A 790 19.92 5.84 13.76
N ASP A 791 19.95 5.21 14.94
CA ASP A 791 20.24 3.78 15.00
C ASP A 791 19.17 2.97 14.29
N ASN A 792 17.91 3.33 14.47
CA ASN A 792 16.81 2.64 13.81
C ASN A 792 15.63 3.59 13.67
N LEU A 793 14.74 3.29 12.74
CA LEU A 793 13.53 4.08 12.61
C LEU A 793 12.57 3.78 13.76
N THR A 794 11.59 4.65 13.92
CA THR A 794 10.49 4.35 14.82
C THR A 794 9.76 3.12 14.29
N PRO A 795 9.47 2.13 15.13
CA PRO A 795 8.80 0.93 14.64
C PRO A 795 7.42 1.24 14.09
N GLU A 796 7.02 0.46 13.08
CA GLU A 796 5.88 0.81 12.24
C GLU A 796 4.58 0.89 13.02
N MET A 797 4.51 0.26 14.19
CA MET A 797 3.24 0.14 14.89
C MET A 797 2.77 1.45 15.52
N PHE A 798 3.69 2.31 15.97
CA PHE A 798 3.33 3.62 16.49
C PHE A 798 3.17 4.68 15.40
N ARG A 799 3.53 4.39 14.16
CA ARG A 799 3.44 5.37 13.08
C ARG A 799 2.46 4.92 11.99
N THR A 800 1.44 4.15 12.37
CA THR A 800 0.41 3.70 11.46
C THR A 800 -0.93 3.75 12.16
N PRO A 801 -2.02 3.96 11.43
CA PRO A 801 -3.35 3.94 12.06
C PRO A 801 -3.74 2.52 12.45
N LEU A 802 -4.63 2.44 13.45
CA LEU A 802 -5.04 1.16 14.02
C LEU A 802 -6.49 0.81 13.70
N HIS A 803 -7.06 1.40 12.65
CA HIS A 803 -8.42 1.03 12.27
C HIS A 803 -8.46 -0.36 11.64
N GLU A 804 -7.52 -0.66 10.74
CA GLU A 804 -7.49 -1.97 10.11
C GLU A 804 -7.12 -3.04 11.13
N MET A 805 -6.21 -2.73 12.05
CA MET A 805 -5.87 -3.68 13.11
C MET A 805 -7.09 -3.99 13.98
N ALA A 806 -7.86 -2.97 14.34
CA ALA A 806 -9.07 -3.18 15.13
C ALA A 806 -10.09 -4.00 14.36
N LEU A 807 -10.23 -3.73 13.05
CA LEU A 807 -11.15 -4.50 12.22
C LEU A 807 -10.74 -5.96 12.17
N THR A 808 -9.44 -6.23 12.06
CA THR A 808 -8.97 -7.62 12.05
C THR A 808 -9.16 -8.29 13.40
N ILE A 809 -8.95 -7.56 14.49
CA ILE A 809 -9.14 -8.11 15.83
C ILE A 809 -10.59 -8.52 16.04
N LYS A 810 -11.52 -7.62 15.70
CA LYS A 810 -12.94 -7.97 15.80
C LYS A 810 -13.33 -9.08 14.83
N LEU A 811 -12.78 -9.07 13.62
CA LEU A 811 -13.20 -10.04 12.60
C LEU A 811 -12.91 -11.47 13.03
N LEU A 812 -11.72 -11.71 13.60
CA LEU A 812 -11.33 -13.05 14.01
C LEU A 812 -11.74 -13.36 15.45
N ARG A 813 -12.52 -12.49 16.08
CA ARG A 813 -13.04 -12.68 17.43
C ARG A 813 -11.91 -12.85 18.45
N LEU A 814 -11.14 -11.77 18.61
CA LEU A 814 -10.14 -11.66 19.67
C LEU A 814 -10.51 -10.60 20.70
N GLY A 815 -11.80 -10.38 20.91
CA GLY A 815 -12.24 -9.52 22.00
C GLY A 815 -11.88 -8.06 21.79
N SER A 816 -11.68 -7.36 22.91
CA SER A 816 -11.46 -5.93 22.90
C SER A 816 -10.06 -5.58 22.40
N ILE A 817 -9.90 -4.33 21.98
CA ILE A 817 -8.60 -3.85 21.51
C ILE A 817 -7.63 -3.70 22.67
N HIS A 818 -8.12 -3.20 23.81
CA HIS A 818 -7.24 -2.88 24.92
C HIS A 818 -6.54 -4.12 25.46
N HIS A 819 -7.30 -5.19 25.70
CA HIS A 819 -6.71 -6.41 26.25
C HIS A 819 -5.72 -7.04 25.27
N PHE A 820 -6.10 -7.12 24.00
CA PHE A 820 -5.22 -7.72 23.00
C PHE A 820 -3.92 -6.94 22.86
N LEU A 821 -4.01 -5.60 22.84
CA LEU A 821 -2.81 -4.80 22.66
C LEU A 821 -1.98 -4.74 23.94
N SER A 822 -2.61 -4.91 25.10
CA SER A 822 -1.84 -5.11 26.32
C SER A 822 -1.11 -6.45 26.31
N LYS A 823 -1.69 -7.44 25.62
CA LYS A 823 -1.03 -8.72 25.42
C LYS A 823 -0.08 -8.71 24.23
N ALA A 824 0.02 -7.59 23.52
CA ALA A 824 0.81 -7.52 22.30
C ALA A 824 2.31 -7.48 22.61
N LEU A 825 3.11 -7.40 21.56
CA LEU A 825 4.56 -7.31 21.73
C LEU A 825 4.94 -6.03 22.47
N GLU A 826 4.33 -4.91 22.11
CA GLU A 826 4.49 -3.67 22.85
C GLU A 826 3.18 -2.91 22.74
N PRO A 827 2.64 -2.41 23.86
CA PRO A 827 1.34 -1.72 23.81
C PRO A 827 1.45 -0.43 23.02
N PRO A 828 0.37 -0.01 22.38
CA PRO A 828 0.36 1.32 21.75
C PRO A 828 0.06 2.38 22.77
N PRO A 829 0.28 3.65 22.44
CA PRO A 829 -0.25 4.72 23.29
C PRO A 829 -1.77 4.59 23.39
N VAL A 830 -2.27 4.76 24.62
CA VAL A 830 -3.71 4.59 24.85
C VAL A 830 -4.51 5.65 24.11
N ASP A 831 -3.92 6.84 23.94
CA ASP A 831 -4.58 7.88 23.16
C ASP A 831 -4.78 7.42 21.72
N ALA A 832 -3.77 6.80 21.13
CA ALA A 832 -3.91 6.29 19.77
C ALA A 832 -4.99 5.22 19.69
N VAL A 833 -5.04 4.33 20.69
CA VAL A 833 -6.03 3.25 20.68
C VAL A 833 -7.44 3.83 20.76
N ILE A 834 -7.66 4.76 21.69
CA ILE A 834 -9.00 5.31 21.86
C ILE A 834 -9.39 6.15 20.65
N GLU A 835 -8.44 6.87 20.05
CA GLU A 835 -8.74 7.64 18.85
C GLU A 835 -9.09 6.73 17.69
N ALA A 836 -8.36 5.63 17.53
CA ALA A 836 -8.69 4.66 16.47
C ALA A 836 -10.08 4.07 16.71
N GLU A 837 -10.40 3.73 17.95
CA GLU A 837 -11.71 3.18 18.24
C GLU A 837 -12.83 4.17 17.94
N VAL A 838 -12.66 5.43 18.35
CA VAL A 838 -13.72 6.40 18.12
C VAL A 838 -13.86 6.73 16.64
N LEU A 839 -12.75 6.74 15.89
CA LEU A 839 -12.87 7.01 14.46
C LEU A 839 -13.46 5.82 13.71
N LEU A 840 -13.19 4.60 14.16
CA LEU A 840 -13.77 3.43 13.52
C LEU A 840 -15.24 3.25 13.87
N ARG A 841 -15.66 3.73 15.05
CA ARG A 841 -17.06 3.61 15.44
C ARG A 841 -17.92 4.77 14.98
N GLU A 842 -17.31 5.95 14.74
CA GLU A 842 -18.08 7.10 14.28
C GLU A 842 -18.69 6.82 12.91
N MET A 843 -17.87 6.36 11.97
CA MET A 843 -18.34 5.96 10.66
C MET A 843 -18.64 4.46 10.64
N ARG A 844 -19.56 4.07 9.77
CA ARG A 844 -20.12 2.72 9.78
C ARG A 844 -19.25 1.78 8.93
N CYS A 845 -18.31 1.10 9.59
CA CYS A 845 -17.56 0.02 8.96
C CYS A 845 -17.48 -1.21 9.85
N LEU A 846 -18.40 -1.35 10.80
CA LEU A 846 -18.46 -2.55 11.64
C LEU A 846 -19.86 -2.63 12.26
N ASP A 847 -20.50 -3.79 12.09
CA ASP A 847 -21.85 -4.01 12.60
C ASP A 847 -21.79 -4.29 14.10
N ALA A 848 -21.43 -3.24 14.84
CA ALA A 848 -21.13 -3.35 16.25
C ALA A 848 -22.17 -2.62 17.09
N ASN A 849 -22.67 -3.28 18.13
CA ASN A 849 -23.45 -2.60 19.16
C ASN A 849 -22.44 -1.92 20.08
N ASP A 850 -22.11 -0.68 19.74
CA ASP A 850 -21.23 0.27 20.43
C ASP A 850 -19.81 -0.26 20.64
N GLU A 851 -19.51 -1.49 20.17
CA GLU A 851 -18.17 -2.10 20.13
C GLU A 851 -18.21 -3.61 20.04
N LEU A 852 -19.17 -4.20 19.33
CA LEU A 852 -19.29 -5.66 19.37
C LEU A 852 -18.34 -6.35 18.39
N THR A 853 -18.62 -6.24 17.08
CA THR A 853 -17.98 -6.98 16.00
C THR A 853 -18.28 -6.31 14.66
N PRO A 854 -17.67 -6.75 13.55
CA PRO A 854 -18.22 -6.41 12.23
C PRO A 854 -19.21 -7.46 11.79
N LEU A 855 -19.66 -8.29 12.73
CA LEU A 855 -20.55 -9.41 12.48
C LEU A 855 -19.98 -10.37 11.46
N GLY A 856 -20.69 -10.58 10.35
CA GLY A 856 -20.27 -11.57 9.39
C GLY A 856 -19.04 -11.22 8.55
N ARG A 857 -19.19 -10.27 7.65
CA ARG A 857 -18.19 -10.00 6.62
C ARG A 857 -18.51 -8.67 5.96
N LEU A 858 -17.86 -8.40 4.83
CA LEU A 858 -18.14 -7.26 3.94
C LEU A 858 -18.08 -5.92 4.67
N LEU A 859 -17.25 -5.84 5.72
CA LEU A 859 -16.84 -4.55 6.27
C LEU A 859 -15.34 -4.45 6.51
N ALA A 860 -14.64 -5.56 6.71
CA ALA A 860 -13.18 -5.57 6.73
C ALA A 860 -12.60 -6.43 5.62
N ARG A 861 -13.45 -7.06 4.79
CA ARG A 861 -12.96 -7.85 3.68
C ARG A 861 -12.42 -6.97 2.55
N LEU A 862 -12.82 -5.71 2.52
CA LEU A 862 -12.43 -4.82 1.44
C LEU A 862 -10.94 -4.52 1.51
N PRO A 863 -10.17 -4.74 0.45
CA PRO A 863 -8.73 -4.44 0.50
C PRO A 863 -8.45 -2.96 0.26
N ILE A 864 -9.25 -2.09 0.88
CA ILE A 864 -9.13 -0.64 0.77
C ILE A 864 -9.34 -0.06 2.16
N GLU A 865 -9.04 1.22 2.31
CA GLU A 865 -9.30 1.90 3.57
C GLU A 865 -10.80 1.88 3.86
N PRO A 866 -11.18 1.79 5.14
CA PRO A 866 -12.61 1.75 5.48
C PRO A 866 -13.42 2.93 4.93
N ARG A 867 -12.85 4.13 4.94
CA ARG A 867 -13.59 5.30 4.45
C ARG A 867 -13.88 5.18 2.96
N LEU A 868 -12.88 4.78 2.18
CA LEU A 868 -13.10 4.55 0.76
C LEU A 868 -14.07 3.43 0.52
N GLY A 869 -14.05 2.38 1.36
CA GLY A 869 -15.02 1.32 1.24
C GLY A 869 -16.44 1.81 1.45
N LYS A 870 -16.64 2.65 2.47
CA LYS A 870 -17.97 3.22 2.71
C LYS A 870 -18.41 4.09 1.55
N MET A 871 -17.50 4.93 1.03
CA MET A 871 -17.84 5.79 -0.10
C MET A 871 -18.21 4.97 -1.33
N MET A 872 -17.48 3.89 -1.57
CA MET A 872 -17.72 3.06 -2.75
C MET A 872 -19.00 2.24 -2.60
N VAL A 873 -19.31 1.80 -1.38
CA VAL A 873 -20.61 1.16 -1.14
C VAL A 873 -21.74 2.15 -1.40
N LEU A 874 -21.60 3.38 -0.92
CA LEU A 874 -22.62 4.40 -1.19
C LEU A 874 -22.77 4.65 -2.68
N GLY A 875 -21.64 4.71 -3.40
CA GLY A 875 -21.72 4.87 -4.84
C GLY A 875 -22.39 3.70 -5.54
N ALA A 876 -22.18 2.49 -5.02
CA ALA A 876 -22.91 1.33 -5.55
C ALA A 876 -24.40 1.44 -5.28
N VAL A 877 -24.77 2.04 -4.15
CA VAL A 877 -26.18 2.28 -3.85
C VAL A 877 -26.80 3.22 -4.88
N PHE A 878 -26.07 4.28 -5.23
CA PHE A 878 -26.57 5.31 -6.15
C PHE A 878 -26.52 4.89 -7.61
N GLY A 879 -25.99 3.71 -7.92
CA GLY A 879 -25.86 3.29 -9.29
C GLY A 879 -24.60 3.74 -9.99
N CYS A 880 -23.65 4.31 -9.27
CA CYS A 880 -22.39 4.77 -9.86
C CYS A 880 -21.23 3.95 -9.30
N ALA A 881 -21.41 2.63 -9.24
CA ALA A 881 -20.41 1.77 -8.60
C ALA A 881 -19.08 1.78 -9.36
N ASP A 882 -19.12 1.84 -10.69
CA ASP A 882 -17.88 1.74 -11.47
C ASP A 882 -16.99 2.96 -11.24
N LEU A 883 -17.55 4.16 -11.38
CA LEU A 883 -16.78 5.37 -11.13
C LEU A 883 -16.28 5.41 -9.70
N MET A 884 -17.09 4.93 -8.77
CA MET A 884 -16.70 4.99 -7.37
C MET A 884 -15.55 4.02 -7.09
N ALA A 885 -15.59 2.84 -7.69
CA ALA A 885 -14.49 1.90 -7.54
C ALA A 885 -13.21 2.44 -8.14
N ILE A 886 -13.29 3.07 -9.32
CA ILE A 886 -12.05 3.54 -9.94
C ILE A 886 -11.47 4.71 -9.15
N MET A 887 -12.31 5.62 -8.65
CA MET A 887 -11.77 6.70 -7.83
C MET A 887 -11.26 6.20 -6.48
N ALA A 888 -11.91 5.19 -5.89
CA ALA A 888 -11.40 4.62 -4.65
C ALA A 888 -10.03 3.98 -4.87
N SER A 889 -9.86 3.26 -5.99
CA SER A 889 -8.57 2.69 -6.33
C SER A 889 -7.52 3.78 -6.55
N TYR A 890 -7.90 4.86 -7.23
CA TYR A 890 -6.95 5.93 -7.50
C TYR A 890 -6.53 6.64 -6.23
N SER A 891 -7.46 6.85 -5.29
CA SER A 891 -7.09 7.46 -4.02
C SER A 891 -6.28 6.51 -3.15
N SER A 892 -6.53 5.20 -3.26
CA SER A 892 -5.76 4.22 -2.51
C SER A 892 -4.39 3.95 -3.12
N THR A 893 -4.17 4.36 -4.37
CA THR A 893 -2.89 4.20 -5.04
C THR A 893 -2.35 5.60 -5.33
N PHE A 894 -1.39 6.04 -4.52
CA PHE A 894 -0.90 7.41 -4.61
C PHE A 894 0.00 7.67 -5.80
N SER A 895 0.06 6.75 -6.77
CA SER A 895 0.86 6.96 -7.96
C SER A 895 0.28 8.09 -8.81
N GLU A 896 1.16 8.78 -9.52
CA GLU A 896 0.74 9.85 -10.41
C GLU A 896 0.04 9.28 -11.64
N VAL A 897 -0.91 10.05 -12.17
CA VAL A 897 -1.63 9.66 -13.37
C VAL A 897 -1.12 10.36 -14.62
N PHE A 898 -0.39 11.47 -14.46
CA PHE A 898 0.16 12.22 -15.59
C PHE A 898 1.68 12.11 -15.55
N SER A 899 2.25 11.68 -16.68
CA SER A 899 3.70 11.49 -16.78
C SER A 899 4.36 12.82 -17.11
N LEU A 900 4.98 13.43 -16.11
CA LEU A 900 5.66 14.71 -16.30
C LEU A 900 6.96 14.50 -17.08
N ASP A 901 7.31 15.51 -17.87
CA ASP A 901 8.49 15.42 -18.72
C ASP A 901 9.77 15.52 -17.89
N ILE A 902 10.86 15.06 -18.49
CA ILE A 902 12.18 15.15 -17.87
C ILE A 902 12.57 16.62 -17.79
N GLY A 903 12.58 17.18 -16.59
CA GLY A 903 12.73 18.61 -16.42
C GLY A 903 11.47 19.33 -16.86
N GLN A 904 11.51 20.66 -16.78
CA GLN A 904 10.39 21.51 -17.13
C GLN A 904 9.13 21.06 -16.39
N ARG A 905 9.21 21.07 -15.06
CA ARG A 905 8.16 20.49 -14.24
C ARG A 905 6.91 21.35 -14.25
N ARG A 906 5.98 21.02 -15.14
CA ARG A 906 4.73 21.76 -15.30
C ARG A 906 3.80 20.90 -16.16
N LEU A 907 2.63 21.45 -16.46
CA LEU A 907 1.64 20.77 -17.29
C LEU A 907 1.60 21.44 -18.67
N ALA A 908 1.73 20.62 -19.71
CA ALA A 908 1.67 21.12 -21.07
C ALA A 908 0.21 21.36 -21.48
N ASN A 909 0.03 21.94 -22.66
CA ASN A 909 -1.32 22.17 -23.18
C ASN A 909 -2.05 20.84 -23.40
N HIS A 910 -1.35 19.85 -23.92
CA HIS A 910 -1.92 18.51 -24.05
C HIS A 910 -1.73 17.69 -22.78
N GLN A 911 -2.06 18.30 -21.64
CA GLN A 911 -2.14 17.59 -20.37
C GLN A 911 -3.35 17.96 -19.54
N LYS A 912 -3.97 19.12 -19.76
CA LYS A 912 -5.12 19.57 -18.99
C LYS A 912 -6.44 19.39 -19.72
N ALA A 913 -6.41 19.11 -21.02
CA ALA A 913 -7.63 18.96 -21.80
C ALA A 913 -8.42 17.72 -21.41
N LEU A 914 -7.77 16.73 -20.78
CA LEU A 914 -8.49 15.54 -20.34
C LEU A 914 -9.52 15.89 -19.27
N SER A 915 -9.17 16.80 -18.36
CA SER A 915 -10.11 17.22 -17.33
C SER A 915 -11.22 18.10 -17.89
N GLY A 916 -11.00 18.71 -19.04
CA GLY A 916 -12.03 19.53 -19.66
C GLY A 916 -12.35 20.76 -18.85
N THR A 917 -13.62 21.16 -18.88
CA THR A 917 -14.08 22.33 -18.13
C THR A 917 -14.27 22.04 -16.65
N LYS A 918 -14.22 20.79 -16.23
CA LYS A 918 -14.39 20.47 -14.82
C LYS A 918 -13.16 20.83 -14.00
N CYS A 919 -11.98 20.86 -14.63
CA CYS A 919 -10.73 21.20 -13.95
C CYS A 919 -10.53 20.34 -12.71
N SER A 920 -10.63 19.02 -12.89
CA SER A 920 -10.58 18.08 -11.78
C SER A 920 -9.67 16.92 -12.14
N ASP A 921 -8.90 16.45 -11.15
CA ASP A 921 -8.00 15.33 -11.39
C ASP A 921 -8.77 14.04 -11.63
N HIS A 922 -9.83 13.80 -10.86
CA HIS A 922 -10.56 12.53 -10.98
C HIS A 922 -11.40 12.47 -12.26
N VAL A 923 -11.93 13.61 -12.71
CA VAL A 923 -12.63 13.62 -14.00
C VAL A 923 -11.65 13.28 -15.12
N ALA A 924 -10.46 13.87 -15.08
CA ALA A 924 -9.42 13.52 -16.05
C ALA A 924 -9.05 12.06 -15.96
N MET A 925 -9.04 11.51 -14.74
CA MET A 925 -8.83 10.08 -14.57
C MET A 925 -9.87 9.28 -15.32
N ILE A 926 -11.14 9.65 -15.17
CA ILE A 926 -12.20 8.89 -15.83
C ILE A 926 -12.06 8.97 -17.34
N VAL A 927 -11.81 10.16 -17.88
CA VAL A 927 -11.68 10.28 -19.34
C VAL A 927 -10.49 9.46 -19.84
N ALA A 928 -9.35 9.58 -19.16
CA ALA A 928 -8.17 8.83 -19.56
C ALA A 928 -8.42 7.33 -19.50
N SER A 929 -9.09 6.87 -18.44
CA SER A 929 -9.39 5.45 -18.31
C SER A 929 -10.34 4.97 -19.40
N GLN A 930 -11.32 5.80 -19.77
CA GLN A 930 -12.26 5.41 -20.82
C GLN A 930 -11.54 5.26 -22.15
N MET A 931 -10.73 6.25 -22.53
CA MET A 931 -9.93 6.08 -23.75
C MET A 931 -8.98 4.89 -23.61
N TRP A 932 -8.54 4.59 -22.38
CA TRP A 932 -7.69 3.44 -22.17
C TRP A 932 -8.41 2.14 -22.48
N ARG A 933 -9.66 1.99 -22.02
CA ARG A 933 -10.43 0.80 -22.37
C ARG A 933 -10.64 0.72 -23.88
N ARG A 934 -11.00 1.86 -24.49
CA ARG A 934 -11.23 1.85 -25.94
C ARG A 934 -9.99 1.42 -26.70
N GLU A 935 -8.82 1.92 -26.30
CA GLU A 935 -7.59 1.62 -27.02
C GLU A 935 -7.06 0.22 -26.72
N LYS A 936 -7.23 -0.28 -25.50
CA LYS A 936 -6.82 -1.67 -25.26
C LYS A 936 -7.74 -2.64 -25.97
N GLN A 937 -9.01 -2.27 -26.15
CA GLN A 937 -9.89 -3.06 -27.02
C GLN A 937 -9.45 -2.96 -28.47
N ARG A 938 -8.96 -1.81 -28.88
CA ARG A 938 -8.58 -1.54 -30.27
C ARG A 938 -7.06 -1.44 -30.38
N GLY A 939 -6.40 -2.58 -30.56
CA GLY A 939 -4.98 -2.61 -30.81
C GLY A 939 -4.16 -2.81 -29.53
N GLU A 940 -2.90 -3.22 -29.73
CA GLU A 940 -1.97 -3.42 -28.63
C GLU A 940 -0.79 -2.44 -28.71
N HIS A 941 -0.04 -2.43 -29.82
CA HIS A 941 1.04 -1.47 -29.94
C HIS A 941 0.51 -0.06 -30.16
N MET A 942 -0.66 0.06 -30.81
CA MET A 942 -1.21 1.38 -31.04
C MET A 942 -1.77 1.96 -29.74
N GLU A 943 -2.31 1.12 -28.85
CA GLU A 943 -2.68 1.65 -27.53
C GLU A 943 -1.44 1.92 -26.69
N ALA A 944 -0.37 1.13 -26.88
CA ALA A 944 0.87 1.43 -26.19
C ALA A 944 1.40 2.81 -26.58
N ARG A 945 1.34 3.14 -27.88
CA ARG A 945 1.77 4.47 -28.32
C ARG A 945 0.75 5.55 -27.96
N PHE A 946 -0.53 5.18 -27.86
CA PHE A 946 -1.55 6.10 -27.37
C PHE A 946 -1.29 6.48 -25.92
N CYS A 947 -0.69 5.57 -25.16
CA CYS A 947 -0.32 5.88 -23.78
C CYS A 947 0.79 6.91 -23.69
N ASP A 948 1.42 7.27 -24.81
CA ASP A 948 2.36 8.39 -24.83
C ASP A 948 1.68 9.73 -24.98
N TRP A 949 0.34 9.75 -25.02
CA TRP A 949 -0.45 10.97 -25.10
C TRP A 949 -0.56 11.61 -23.72
N LYS A 950 -1.53 12.51 -23.53
CA LYS A 950 -1.66 13.32 -22.32
C LYS A 950 -1.50 12.50 -21.06
N GLY A 951 -0.44 12.76 -20.30
CA GLY A 951 -0.14 11.96 -19.12
C GLY A 951 -0.01 10.48 -19.42
N LEU A 952 -0.99 9.69 -18.98
CA LEU A 952 -1.14 8.29 -19.39
C LEU A 952 0.09 7.46 -19.00
N GLN A 953 0.24 7.25 -17.70
CA GLN A 953 1.20 6.27 -17.21
C GLN A 953 0.58 4.88 -17.21
N MET A 954 1.26 3.93 -17.85
CA MET A 954 0.77 2.55 -17.92
C MET A 954 0.48 1.97 -16.55
N SER A 955 1.46 2.03 -15.65
CA SER A 955 1.37 1.29 -14.38
C SER A 955 0.23 1.80 -13.51
N THR A 956 0.04 3.12 -13.45
CA THR A 956 -1.04 3.66 -12.63
C THR A 956 -2.40 3.21 -13.15
N MET A 957 -2.59 3.23 -14.47
CA MET A 957 -3.86 2.76 -15.03
C MET A 957 -4.08 1.28 -14.76
N ASN A 958 -3.03 0.46 -14.92
CA ASN A 958 -3.16 -0.95 -14.62
C ASN A 958 -3.58 -1.17 -13.17
N VAL A 959 -2.93 -0.45 -12.24
CA VAL A 959 -3.21 -0.64 -10.83
C VAL A 959 -4.64 -0.23 -10.50
N ILE A 960 -5.06 0.94 -10.99
CA ILE A 960 -6.40 1.43 -10.66
C ILE A 960 -7.46 0.53 -11.28
N TRP A 961 -7.25 0.08 -12.51
CA TRP A 961 -8.22 -0.82 -13.14
C TRP A 961 -8.32 -2.13 -12.41
N ASP A 962 -7.18 -2.73 -12.03
CA ASP A 962 -7.21 -4.00 -11.33
C ASP A 962 -7.88 -3.87 -9.97
N ALA A 963 -7.58 -2.79 -9.24
CA ALA A 963 -8.21 -2.60 -7.93
C ALA A 963 -9.70 -2.35 -8.05
N LYS A 964 -10.12 -1.58 -9.05
CA LYS A 964 -11.55 -1.37 -9.28
C LYS A 964 -12.25 -2.67 -9.63
N GLN A 965 -11.65 -3.49 -10.48
CA GLN A 965 -12.24 -4.77 -10.84
C GLN A 965 -12.34 -5.68 -9.63
N GLN A 966 -11.31 -5.70 -8.80
CA GLN A 966 -11.36 -6.52 -7.58
C GLN A 966 -12.46 -6.05 -6.64
N LEU A 967 -12.59 -4.74 -6.46
CA LEU A 967 -13.64 -4.21 -5.59
C LEU A 967 -15.02 -4.56 -6.12
N LEU A 968 -15.23 -4.39 -7.43
CA LEU A 968 -16.54 -4.69 -8.00
C LEU A 968 -16.86 -6.18 -7.91
N ASP A 969 -15.86 -7.03 -8.15
CA ASP A 969 -16.08 -8.47 -8.02
C ASP A 969 -16.38 -8.85 -6.56
N LEU A 970 -15.70 -8.20 -5.62
CA LEU A 970 -15.97 -8.47 -4.21
C LEU A 970 -17.39 -8.07 -3.83
N LEU A 971 -17.86 -6.93 -4.34
CA LEU A 971 -19.24 -6.55 -4.08
C LEU A 971 -20.23 -7.49 -4.76
N GLN A 972 -19.91 -7.94 -5.98
CA GLN A 972 -20.77 -8.91 -6.65
C GLN A 972 -20.86 -10.20 -5.85
N GLN A 973 -19.77 -10.59 -5.20
CA GLN A 973 -19.78 -11.74 -4.31
C GLN A 973 -20.39 -11.41 -2.94
N ALA A 974 -20.59 -10.13 -2.64
CA ALA A 974 -21.16 -9.70 -1.36
C ALA A 974 -22.67 -9.56 -1.40
N GLY A 975 -23.31 -9.82 -2.53
CA GLY A 975 -24.75 -9.75 -2.65
C GLY A 975 -25.27 -8.56 -3.43
N PHE A 976 -24.44 -7.57 -3.72
CA PHE A 976 -24.89 -6.43 -4.50
C PHE A 976 -25.08 -6.85 -5.96
N PRO A 977 -26.20 -6.49 -6.59
CA PRO A 977 -26.44 -6.94 -7.96
C PRO A 977 -25.52 -6.25 -8.95
N GLU A 978 -25.39 -6.88 -10.12
CA GLU A 978 -24.53 -6.37 -11.19
C GLU A 978 -25.20 -5.26 -11.99
N GLU A 979 -26.51 -5.07 -11.85
CA GLU A 979 -27.20 -4.07 -12.67
C GLU A 979 -26.80 -2.65 -12.28
N CYS A 980 -26.36 -2.43 -11.05
CA CYS A 980 -25.99 -1.10 -10.57
C CYS A 980 -24.50 -0.82 -10.71
N MET A 981 -23.72 -1.75 -11.25
CA MET A 981 -22.29 -1.55 -11.47
C MET A 981 -21.96 -1.35 -12.94
N ILE A 982 -22.94 -0.92 -13.73
CA ILE A 982 -22.73 -0.69 -15.17
C ILE A 982 -21.91 0.57 -15.35
N SER A 983 -20.92 0.51 -16.23
CA SER A 983 -20.08 1.67 -16.52
C SER A 983 -20.87 2.74 -17.23
N HIS A 984 -20.59 4.00 -16.89
CA HIS A 984 -21.23 5.15 -17.50
C HIS A 984 -20.16 6.04 -18.12
N GLU A 985 -20.26 6.28 -19.42
CA GLU A 985 -19.29 7.12 -20.11
C GLU A 985 -19.40 8.55 -19.62
N VAL A 986 -18.25 9.21 -19.47
CA VAL A 986 -18.17 10.58 -18.96
C VAL A 986 -17.63 11.47 -20.06
N ASP A 987 -18.37 12.53 -20.38
CA ASP A 987 -17.98 13.50 -21.39
C ASP A 987 -17.58 14.79 -20.66
N GLU A 988 -16.28 15.10 -20.66
CA GLU A 988 -15.76 16.21 -19.88
C GLU A 988 -16.01 17.56 -20.55
N ARG A 989 -16.09 17.60 -21.88
CA ARG A 989 -16.19 18.88 -22.57
C ARG A 989 -17.49 19.60 -22.25
N ILE A 990 -18.61 18.87 -22.18
CA ILE A 990 -19.89 19.49 -21.91
C ILE A 990 -19.93 19.98 -20.47
N ASP A 991 -20.44 21.19 -20.27
CA ASP A 991 -20.56 21.81 -18.95
C ASP A 991 -22.03 22.01 -18.63
N GLY A 992 -22.57 21.15 -17.78
CA GLY A 992 -23.98 21.24 -17.43
C GLY A 992 -24.50 20.03 -16.68
N ASP A 993 -25.64 19.50 -17.13
CA ASP A 993 -26.30 18.41 -16.43
C ASP A 993 -25.61 17.09 -16.73
N ASP A 994 -25.14 16.42 -15.66
CA ASP A 994 -24.55 15.09 -15.75
C ASP A 994 -24.60 14.45 -14.36
N PRO A 995 -25.76 13.97 -13.93
CA PRO A 995 -25.93 13.60 -12.51
C PRO A 995 -24.96 12.54 -12.02
N VAL A 996 -24.57 11.57 -12.86
CA VAL A 996 -23.69 10.50 -12.40
C VAL A 996 -22.32 11.04 -12.02
N LEU A 997 -21.76 11.91 -12.87
CA LEU A 997 -20.46 12.50 -12.56
C LEU A 997 -20.56 13.42 -11.34
N ASP A 998 -21.66 14.16 -11.23
CA ASP A 998 -21.84 15.03 -10.06
C ASP A 998 -21.88 14.21 -8.78
N VAL A 999 -22.61 13.09 -8.77
CA VAL A 999 -22.70 12.30 -7.55
C VAL A 999 -21.38 11.61 -7.24
N SER A 1000 -20.62 11.23 -8.27
CA SER A 1000 -19.29 10.67 -8.05
C SER A 1000 -18.38 11.69 -7.38
N LEU A 1001 -18.28 12.89 -7.97
CA LEU A 1001 -17.45 13.94 -7.40
C LEU A 1001 -18.00 14.42 -6.06
N ALA A 1002 -19.26 14.12 -5.76
CA ALA A 1002 -19.82 14.42 -4.45
C ALA A 1002 -19.33 13.44 -3.40
N LEU A 1003 -19.64 12.16 -3.58
CA LEU A 1003 -19.26 11.19 -2.56
C LEU A 1003 -17.75 11.01 -2.47
N LEU A 1004 -16.98 11.56 -3.41
CA LEU A 1004 -15.54 11.69 -3.15
C LEU A 1004 -15.26 12.62 -1.98
N CYS A 1005 -16.13 13.60 -1.73
CA CYS A 1005 -15.96 14.44 -0.55
C CYS A 1005 -16.13 13.62 0.73
N LEU A 1006 -17.09 12.68 0.73
CA LEU A 1006 -17.25 11.78 1.86
C LEU A 1006 -16.09 10.79 1.95
N GLY A 1007 -15.55 10.36 0.80
CA GLY A 1007 -14.46 9.39 0.82
C GLY A 1007 -13.18 9.95 1.41
N LEU A 1008 -12.85 11.21 1.10
CA LEU A 1008 -11.59 11.80 1.52
C LEU A 1008 -11.79 12.83 2.63
N TYR A 1009 -12.80 12.62 3.47
CA TYR A 1009 -12.97 13.45 4.65
C TYR A 1009 -11.76 13.32 5.57
N PRO A 1010 -11.23 14.43 6.12
CA PRO A 1010 -11.64 15.82 5.90
C PRO A 1010 -10.63 16.62 5.09
N ASN A 1011 -10.06 16.04 4.02
CA ASN A 1011 -9.00 16.70 3.25
C ASN A 1011 -9.63 17.61 2.21
N ILE A 1012 -10.10 18.77 2.67
CA ILE A 1012 -10.72 19.78 1.81
C ILE A 1012 -9.83 21.02 1.85
N CYS A 1013 -9.34 21.44 0.68
CA CYS A 1013 -8.48 22.60 0.57
C CYS A 1013 -9.16 23.66 -0.29
N VAL A 1014 -8.81 24.92 -0.04
CA VAL A 1014 -9.44 26.06 -0.69
C VAL A 1014 -8.38 26.81 -1.49
N HIS A 1015 -8.62 26.96 -2.79
CA HIS A 1015 -7.69 27.66 -3.67
C HIS A 1015 -7.76 29.15 -3.40
N LYS A 1016 -6.63 29.75 -3.01
CA LYS A 1016 -6.60 31.17 -2.68
C LYS A 1016 -6.22 32.02 -3.90
N GLU A 1017 -5.01 31.80 -4.43
CA GLU A 1017 -4.51 32.55 -5.57
C GLU A 1017 -3.22 31.89 -6.04
N LYS A 1018 -2.98 31.93 -7.36
CA LYS A 1018 -1.83 31.29 -7.97
C LYS A 1018 -1.78 29.81 -7.62
N ARG A 1019 -0.94 29.44 -6.65
CA ARG A 1019 -0.83 28.07 -6.19
C ARG A 1019 -1.04 27.90 -4.69
N LYS A 1020 -0.76 28.93 -3.89
CA LYS A 1020 -0.86 28.78 -2.45
C LYS A 1020 -2.30 28.58 -2.02
N VAL A 1021 -2.52 27.57 -1.17
CA VAL A 1021 -3.82 27.26 -0.61
C VAL A 1021 -3.66 27.09 0.90
N LEU A 1022 -4.77 26.79 1.56
CA LEU A 1022 -4.79 26.62 3.01
C LEU A 1022 -5.58 25.37 3.36
N THR A 1023 -5.01 24.53 4.21
CA THR A 1023 -5.62 23.29 4.65
C THR A 1023 -6.22 23.54 6.04
N THR A 1024 -6.69 22.48 6.70
CA THR A 1024 -7.33 22.61 8.00
C THR A 1024 -6.37 23.25 9.01
N GLU A 1025 -6.95 23.98 9.96
CA GLU A 1025 -6.20 24.71 11.00
C GLU A 1025 -5.27 25.76 10.39
N SER A 1026 -5.68 26.36 9.27
CA SER A 1026 -4.97 27.46 8.63
C SER A 1026 -3.51 27.09 8.34
N LYS A 1027 -3.29 25.89 7.83
CA LYS A 1027 -1.96 25.43 7.47
C LYS A 1027 -1.69 25.73 6.01
N ALA A 1028 -0.59 26.44 5.75
CA ALA A 1028 -0.24 26.79 4.38
C ALA A 1028 0.13 25.54 3.59
N ALA A 1029 -0.15 25.58 2.29
CA ALA A 1029 0.12 24.45 1.42
C ALA A 1029 0.28 24.94 -0.01
N LEU A 1030 0.85 24.08 -0.85
CA LEU A 1030 1.09 24.40 -2.25
C LEU A 1030 0.53 23.29 -3.12
N LEU A 1031 -0.08 23.67 -4.24
CA LEU A 1031 -0.59 22.69 -5.19
C LEU A 1031 0.57 22.05 -5.95
N HIS A 1032 0.55 20.72 -6.04
CA HIS A 1032 1.61 20.01 -6.75
C HIS A 1032 1.56 20.33 -8.23
N LYS A 1033 2.74 20.36 -8.86
CA LYS A 1033 2.82 20.62 -10.30
C LYS A 1033 2.13 19.54 -11.12
N THR A 1034 1.89 18.37 -10.54
CA THR A 1034 1.20 17.31 -11.26
C THR A 1034 -0.28 17.64 -11.46
N SER A 1035 -0.90 18.32 -10.50
CA SER A 1035 -2.34 18.53 -10.53
C SER A 1035 -2.73 19.49 -11.64
N VAL A 1036 -3.93 19.26 -12.19
CA VAL A 1036 -4.42 20.06 -13.32
C VAL A 1036 -4.68 21.49 -12.90
N ASN A 1037 -5.19 21.68 -11.68
CA ASN A 1037 -5.59 23.02 -11.23
C ASN A 1037 -4.42 23.97 -11.05
N CYS A 1038 -3.18 23.46 -11.03
CA CYS A 1038 -2.02 24.33 -10.90
C CYS A 1038 -1.88 25.24 -12.11
N SER A 1039 -1.54 26.50 -11.87
CA SER A 1039 -1.34 27.46 -12.93
C SER A 1039 -0.40 28.56 -12.44
N ASN A 1040 0.31 29.16 -13.38
CA ASN A 1040 1.25 30.23 -13.09
C ASN A 1040 0.63 31.62 -13.17
N LEU A 1041 -0.64 31.72 -13.52
CA LEU A 1041 -1.33 32.99 -13.64
C LEU A 1041 -2.31 33.16 -12.47
N ALA A 1042 -2.99 34.31 -12.46
CA ALA A 1042 -4.00 34.60 -11.44
C ALA A 1042 -5.34 34.03 -11.88
N VAL A 1043 -5.39 32.71 -11.99
CA VAL A 1043 -6.58 32.01 -12.46
C VAL A 1043 -7.57 31.87 -11.31
N THR A 1044 -8.81 32.27 -11.55
CA THR A 1044 -9.89 32.15 -10.58
C THR A 1044 -10.89 31.14 -11.11
N PHE A 1045 -10.96 29.98 -10.46
CA PHE A 1045 -11.85 28.91 -10.89
C PHE A 1045 -13.31 29.26 -10.57
N PRO A 1046 -14.26 28.70 -11.32
CA PRO A 1046 -15.67 29.00 -11.04
C PRO A 1046 -16.09 28.66 -9.61
N TYR A 1047 -15.61 27.53 -9.08
CA TYR A 1047 -15.79 27.19 -7.67
C TYR A 1047 -14.40 26.96 -7.08
N PRO A 1048 -14.00 27.73 -6.08
CA PRO A 1048 -12.61 27.67 -5.61
C PRO A 1048 -12.37 26.58 -4.57
N PHE A 1049 -13.30 25.63 -4.44
CA PHE A 1049 -13.25 24.64 -3.38
C PHE A 1049 -12.78 23.31 -3.95
N PHE A 1050 -11.80 22.70 -3.30
CA PHE A 1050 -11.13 21.51 -3.82
C PHE A 1050 -11.02 20.44 -2.73
N VAL A 1051 -10.88 19.20 -3.18
CA VAL A 1051 -10.66 18.05 -2.32
C VAL A 1051 -9.45 17.29 -2.84
N PHE A 1052 -8.65 16.78 -1.90
CA PHE A 1052 -7.41 16.09 -2.26
C PHE A 1052 -7.26 14.84 -1.41
N GLY A 1053 -6.40 13.92 -1.88
CA GLY A 1053 -6.20 12.67 -1.20
C GLY A 1053 -4.79 12.47 -0.68
N GLU A 1054 -3.82 13.13 -1.29
CA GLU A 1054 -2.42 13.01 -0.92
C GLU A 1054 -1.87 14.38 -0.53
N LYS A 1055 -1.08 14.40 0.54
CA LYS A 1055 -0.45 15.63 1.04
C LYS A 1055 1.02 15.32 1.32
N ILE A 1056 1.86 15.50 0.30
CA ILE A 1056 3.29 15.23 0.45
C ILE A 1056 3.92 16.32 1.29
N ARG A 1057 4.69 15.92 2.30
CA ARG A 1057 5.32 16.85 3.24
C ARG A 1057 6.77 17.07 2.84
N THR A 1058 7.18 18.34 2.81
CA THR A 1058 8.55 18.73 2.51
C THR A 1058 8.84 19.94 3.40
N ARG A 1059 9.87 20.71 3.04
CA ARG A 1059 10.11 21.98 3.72
C ARG A 1059 8.88 22.88 3.68
N ALA A 1060 8.02 22.68 2.69
CA ALA A 1060 6.68 23.26 2.62
C ALA A 1060 5.66 22.13 2.64
N VAL A 1061 4.39 22.47 2.40
CA VAL A 1061 3.32 21.49 2.34
C VAL A 1061 2.78 21.45 0.93
N SER A 1062 2.69 20.25 0.36
CA SER A 1062 2.21 20.04 -1.00
C SER A 1062 0.90 19.28 -0.98
N CYS A 1063 0.06 19.54 -1.99
CA CYS A 1063 -1.23 18.89 -2.12
C CYS A 1063 -1.32 18.24 -3.50
N LYS A 1064 -1.73 16.98 -3.53
CA LYS A 1064 -1.83 16.21 -4.76
C LYS A 1064 -3.22 15.62 -4.88
N GLN A 1065 -3.57 15.20 -6.10
CA GLN A 1065 -4.87 14.60 -6.40
C GLN A 1065 -6.00 15.58 -6.08
N LEU A 1066 -5.95 16.74 -6.72
CA LEU A 1066 -6.86 17.84 -6.41
C LEU A 1066 -8.09 17.73 -7.32
N SER A 1067 -9.26 17.71 -6.70
CA SER A 1067 -10.53 17.62 -7.42
C SER A 1067 -11.35 18.87 -7.16
N MET A 1068 -11.98 19.39 -8.20
CA MET A 1068 -12.72 20.65 -8.11
C MET A 1068 -14.18 20.32 -7.85
N VAL A 1069 -14.60 20.45 -6.58
CA VAL A 1069 -15.93 20.10 -6.15
C VAL A 1069 -16.73 21.37 -5.87
N SER A 1070 -17.98 21.37 -6.32
CA SER A 1070 -18.85 22.51 -6.11
CA SER A 1070 -18.84 22.51 -6.11
C SER A 1070 -19.19 22.66 -4.63
N PRO A 1071 -19.55 23.87 -4.20
CA PRO A 1071 -19.87 24.06 -2.78
C PRO A 1071 -21.01 23.19 -2.28
N LEU A 1072 -22.01 22.92 -3.13
CA LEU A 1072 -23.11 22.05 -2.74
C LEU A 1072 -22.60 20.73 -2.18
N GLN A 1073 -21.62 20.13 -2.86
CA GLN A 1073 -21.02 18.89 -2.37
C GLN A 1073 -20.27 19.12 -1.07
N VAL A 1074 -19.64 20.29 -0.92
CA VAL A 1074 -18.87 20.58 0.28
C VAL A 1074 -19.76 20.58 1.52
N ILE A 1075 -20.91 21.26 1.43
CA ILE A 1075 -21.87 21.17 2.53
C ILE A 1075 -22.49 19.78 2.60
N LEU A 1076 -22.71 19.13 1.45
CA LEU A 1076 -23.32 17.82 1.42
C LEU A 1076 -22.50 16.76 2.15
N PHE A 1077 -21.18 16.96 2.26
CA PHE A 1077 -20.35 15.97 2.93
C PHE A 1077 -19.29 16.57 3.86
N GLY A 1078 -19.30 17.88 4.10
CA GLY A 1078 -18.49 18.44 5.17
C GLY A 1078 -19.35 19.08 6.23
N SER A 1079 -20.48 19.64 5.80
CA SER A 1079 -21.52 20.16 6.68
C SER A 1079 -21.02 21.09 7.78
N ARG A 1080 -20.79 20.53 8.97
CA ARG A 1080 -20.59 21.27 10.21
C ARG A 1080 -21.80 22.18 10.43
N LYS A 1081 -21.72 23.11 11.38
CA LYS A 1081 -22.87 23.92 11.77
C LYS A 1081 -22.58 25.40 11.59
N ILE A 1082 -23.64 26.14 11.25
CA ILE A 1082 -23.58 27.58 11.06
C ILE A 1082 -23.86 28.27 12.38
N ASP A 1083 -22.95 29.14 12.81
CA ASP A 1083 -23.08 29.86 14.07
C ASP A 1083 -24.09 30.99 13.87
N LEU A 1084 -25.36 30.69 14.14
CA LEU A 1084 -26.43 31.66 13.99
C LEU A 1084 -26.41 32.72 15.09
N ALA A 1085 -25.61 32.53 16.14
CA ALA A 1085 -25.61 33.45 17.27
C ALA A 1085 -24.91 34.76 16.94
N ALA A 1086 -25.56 35.59 16.14
CA ALA A 1086 -25.16 36.96 15.79
C ALA A 1086 -23.87 37.02 14.98
N ASN A 1087 -23.26 35.88 14.64
CA ASN A 1087 -22.04 35.92 13.85
C ASN A 1087 -22.34 36.34 12.41
N ASN A 1088 -23.36 35.74 11.80
CA ASN A 1088 -23.77 36.01 10.43
C ASN A 1088 -22.65 35.76 9.43
N ILE A 1089 -21.61 35.02 9.84
CA ILE A 1089 -20.49 34.68 8.96
C ILE A 1089 -20.64 33.28 8.37
N VAL A 1090 -21.76 32.60 8.68
CA VAL A 1090 -22.18 31.32 8.11
C VAL A 1090 -21.03 30.33 7.93
N ARG A 1091 -20.49 29.86 9.06
CA ARG A 1091 -19.43 28.85 9.04
C ARG A 1091 -20.02 27.50 8.67
N VAL A 1092 -19.42 26.84 7.67
CA VAL A 1092 -19.73 25.45 7.35
C VAL A 1092 -18.41 24.71 7.16
N ASP A 1093 -18.44 23.40 7.33
CA ASP A 1093 -17.25 22.54 7.30
C ASP A 1093 -16.21 22.97 8.32
N ASN A 1094 -16.58 23.81 9.29
CA ASN A 1094 -15.69 24.34 10.31
C ASN A 1094 -14.58 25.18 9.71
N TRP A 1095 -13.73 24.57 8.87
CA TRP A 1095 -12.54 25.26 8.37
C TRP A 1095 -12.91 26.43 7.45
N LEU A 1096 -13.77 26.20 6.46
CA LEU A 1096 -14.10 27.23 5.48
C LEU A 1096 -15.45 27.85 5.82
N ASN A 1097 -15.91 28.79 4.98
CA ASN A 1097 -17.20 29.42 5.21
C ASN A 1097 -17.67 30.32 4.07
N PHE A 1098 -18.95 30.18 3.69
CA PHE A 1098 -19.81 31.26 3.17
C PHE A 1098 -21.22 30.79 2.84
N ASP A 1099 -22.05 31.72 2.39
CA ASP A 1099 -23.50 31.58 2.39
C ASP A 1099 -23.98 30.40 1.57
N ILE A 1100 -24.81 29.55 2.20
CA ILE A 1100 -25.48 28.46 1.52
C ILE A 1100 -26.96 28.46 1.90
N GLU A 1101 -27.48 29.64 2.29
CA GLU A 1101 -28.86 29.77 2.73
C GLU A 1101 -29.18 28.79 3.85
N PRO A 1102 -28.76 29.11 5.10
CA PRO A 1102 -28.67 28.11 6.18
C PRO A 1102 -29.84 27.14 6.34
N GLU A 1103 -31.02 27.47 5.80
CA GLU A 1103 -32.12 26.51 5.82
C GLU A 1103 -31.72 25.23 5.07
N LEU A 1104 -31.12 25.39 3.90
CA LEU A 1104 -30.64 24.23 3.15
C LEU A 1104 -29.54 23.51 3.90
N ALA A 1105 -28.67 24.26 4.59
CA ALA A 1105 -27.61 23.63 5.37
C ALA A 1105 -28.18 22.76 6.48
N ALA A 1106 -29.22 23.25 7.17
CA ALA A 1106 -29.88 22.43 8.17
C ALA A 1106 -30.55 21.23 7.55
N LYS A 1107 -31.08 21.38 6.32
CA LYS A 1107 -31.68 20.23 5.66
C LYS A 1107 -30.64 19.14 5.37
N ILE A 1108 -29.45 19.53 4.92
CA ILE A 1108 -28.38 18.53 4.73
C ILE A 1108 -27.93 17.95 6.08
N GLY A 1109 -27.92 18.79 7.12
CA GLY A 1109 -27.59 18.28 8.45
C GLY A 1109 -28.54 17.20 8.90
N ALA A 1110 -29.83 17.38 8.63
CA ALA A 1110 -30.82 16.33 8.91
C ALA A 1110 -30.69 15.17 7.94
N LEU A 1111 -30.19 15.43 6.73
CA LEU A 1111 -30.05 14.37 5.72
C LEU A 1111 -28.88 13.44 6.00
N LYS A 1112 -27.86 13.91 6.72
CA LYS A 1112 -26.70 13.07 7.06
C LYS A 1112 -27.08 11.75 7.72
N PRO A 1113 -27.86 11.74 8.82
CA PRO A 1113 -28.28 10.45 9.39
C PRO A 1113 -29.18 9.66 8.47
N ALA A 1114 -29.91 10.33 7.57
CA ALA A 1114 -30.65 9.60 6.55
C ALA A 1114 -29.71 8.83 5.64
N LEU A 1115 -28.59 9.46 5.24
CA LEU A 1115 -27.59 8.75 4.45
C LEU A 1115 -27.00 7.57 5.22
N GLU A 1116 -26.72 7.77 6.51
CA GLU A 1116 -26.17 6.67 7.31
C GLU A 1116 -27.16 5.52 7.43
N ASP A 1117 -28.44 5.84 7.63
CA ASP A 1117 -29.47 4.80 7.70
C ASP A 1117 -29.62 4.09 6.36
N LEU A 1118 -29.50 4.83 5.26
CA LEU A 1118 -29.51 4.21 3.94
C LEU A 1118 -28.35 3.25 3.78
N ILE A 1119 -27.16 3.64 4.27
CA ILE A 1119 -26.01 2.74 4.23
C ILE A 1119 -26.29 1.46 5.02
N THR A 1120 -26.86 1.62 6.22
CA THR A 1120 -27.17 0.45 7.05
C THR A 1120 -28.18 -0.46 6.37
N VAL A 1121 -29.22 0.12 5.77
CA VAL A 1121 -30.23 -0.68 5.08
C VAL A 1121 -29.62 -1.41 3.89
N ALA A 1122 -28.77 -0.71 3.13
CA ALA A 1122 -28.14 -1.33 1.95
C ALA A 1122 -27.23 -2.47 2.36
N CYS A 1123 -26.44 -2.29 3.41
CA CYS A 1123 -25.54 -3.36 3.83
C CYS A 1123 -26.29 -4.53 4.44
N ASP A 1124 -27.44 -4.24 5.09
CA ASP A 1124 -28.26 -5.33 5.64
C ASP A 1124 -28.78 -6.25 4.55
N ASN A 1125 -29.25 -5.68 3.44
CA ASN A 1125 -29.82 -6.43 2.32
C ASN A 1125 -29.13 -6.02 1.03
N PRO A 1126 -27.96 -6.61 0.73
CA PRO A 1126 -27.24 -6.25 -0.49
C PRO A 1126 -28.00 -6.57 -1.77
N SER A 1127 -28.99 -7.47 -1.71
CA SER A 1127 -29.74 -7.86 -2.90
C SER A 1127 -30.99 -7.03 -3.12
N ASP A 1128 -31.23 -6.00 -2.31
CA ASP A 1128 -32.44 -5.20 -2.39
C ASP A 1128 -32.14 -3.71 -2.56
N ILE A 1129 -30.91 -3.34 -2.93
CA ILE A 1129 -30.55 -1.93 -2.99
C ILE A 1129 -31.25 -1.24 -4.17
N LEU A 1130 -31.32 -1.91 -5.32
CA LEU A 1130 -31.92 -1.29 -6.50
C LEU A 1130 -33.44 -1.17 -6.38
N ARG A 1131 -34.08 -1.98 -5.53
CA ARG A 1131 -35.52 -1.90 -5.30
C ARG A 1131 -35.73 -1.76 -3.80
N LEU A 1132 -35.66 -0.53 -3.31
CA LEU A 1132 -35.90 -0.22 -1.92
C LEU A 1132 -37.32 0.28 -1.74
N GLU A 1133 -37.67 0.61 -0.49
CA GLU A 1133 -38.95 1.25 -0.25
C GLU A 1133 -38.94 2.66 -0.85
N GLU A 1134 -40.14 3.18 -1.10
CA GLU A 1134 -40.28 4.46 -1.78
C GLU A 1134 -39.51 5.60 -1.11
N PRO A 1135 -39.51 5.78 0.22
CA PRO A 1135 -38.73 6.88 0.79
C PRO A 1135 -37.24 6.84 0.48
N TYR A 1136 -36.63 5.65 0.44
CA TYR A 1136 -35.20 5.59 0.13
C TYR A 1136 -34.93 5.93 -1.33
N ALA A 1137 -35.81 5.50 -2.23
CA ALA A 1137 -35.68 5.88 -3.63
C ALA A 1137 -35.84 7.39 -3.78
N GLN A 1138 -36.79 7.99 -3.05
CA GLN A 1138 -36.95 9.44 -3.09
C GLN A 1138 -35.72 10.14 -2.55
N LEU A 1139 -35.11 9.61 -1.49
CA LEU A 1139 -33.88 10.19 -0.96
C LEU A 1139 -32.75 10.13 -1.98
N VAL A 1140 -32.59 8.98 -2.64
CA VAL A 1140 -31.56 8.85 -3.66
C VAL A 1140 -31.79 9.84 -4.78
N LYS A 1141 -33.05 9.95 -5.24
CA LYS A 1141 -33.36 10.86 -6.34
C LYS A 1141 -33.12 12.32 -5.94
N VAL A 1142 -33.52 12.71 -4.74
CA VAL A 1142 -33.38 14.10 -4.34
C VAL A 1142 -31.91 14.45 -4.14
N VAL A 1143 -31.11 13.52 -3.61
CA VAL A 1143 -29.68 13.77 -3.51
C VAL A 1143 -29.06 13.88 -4.89
N LYS A 1144 -29.47 13.00 -5.81
CA LYS A 1144 -28.89 13.00 -7.15
C LYS A 1144 -29.19 14.29 -7.89
N ASP A 1145 -30.41 14.79 -7.80
CA ASP A 1145 -30.73 16.02 -8.52
C ASP A 1145 -30.44 17.30 -7.73
N LEU A 1146 -30.13 17.18 -6.43
CA LEU A 1146 -29.47 18.25 -5.71
C LEU A 1146 -27.99 18.32 -6.04
N CYS A 1147 -27.42 17.21 -6.51
CA CYS A 1147 -25.99 17.12 -6.79
C CYS A 1147 -25.56 17.89 -8.02
N VAL A 1148 -26.50 18.40 -8.82
CA VAL A 1148 -26.13 19.14 -10.03
C VAL A 1148 -25.31 20.35 -9.63
N LYS A 1149 -24.12 20.48 -10.23
CA LYS A 1149 -23.21 21.55 -9.88
C LYS A 1149 -23.77 22.92 -10.23
N SER A 1150 -24.77 22.99 -11.11
CA SER A 1150 -25.38 24.26 -11.44
C SER A 1150 -26.11 24.83 -10.23
N ALA A 1151 -25.97 26.15 -10.02
CA ALA A 1151 -26.65 26.86 -8.95
C ALA A 1151 -27.35 28.10 -9.49
N GLY A 1152 -27.74 28.07 -10.76
CA GLY A 1152 -28.39 29.21 -11.39
C GLY A 1152 -28.42 29.11 -12.90
#